data_5WRS
#
_entry.id   5WRS
#
_cell.length_a   157.202
_cell.length_b   157.202
_cell.length_c   144.802
_cell.angle_alpha   90.00
_cell.angle_beta   90.00
_cell.angle_gamma   120.00
#
_symmetry.space_group_name_H-M   'P 32 2 1'
#
loop_
_entity.id
_entity.type
_entity.pdbx_description
1 polymer 'Pseudokinase FAM20A'
2 branched 2-acetamido-2-deoxy-beta-D-glucopyranose-(1-4)-2-acetamido-2-deoxy-beta-D-glucopyranose
3 non-polymer 2-acetamido-2-deoxy-beta-D-glucopyranose
4 non-polymer "ADENOSINE-5'-TRIPHOSPHATE"
#
_entity_poly.entity_id   1
_entity_poly.type   'polypeptide(L)'
_entity_poly.pdbx_seq_one_letter_code
;SSKLQALFAHPLYNVPEEPPLLGAEDSLLASQEALRYYRRKVARWNRRHKMYREQMNLTSLDPPLQLRLEASWVQFHLGI
NRHGLYSRSSPVVSKLLQDMRHFPTISADYSQDEKALLGACDCTQIVKPSGVHLKLVLRFSDFGKAMFKPMRQQRDEETP
VDFFYFIDFQRHNAEIAAFHLDRILDFRRVPPTVGRIVNVTKEILEVTKNEILQSVFFVSPASNVCFFAKCPYMCKTEYA
VCGKPHLLEGSLSAFLPSLNLAPRLSVPNPWIRSYTLAGKEEWEVNPLYCDTVKQIYPYNNSQRLLNVIDMAIFDFLIGN
MDRHHYEMFTKFGDDGFLIHLDNARGFGRHSHDEISILSPLSQCCMIKKKTLLHLQLLAQADYRLSDVMRESLLEDQLSP
VLTEPHLLALDRRLQTILRTVEGCIVAHGQQSVIVDGP
;
_entity_poly.pdbx_strand_id   A,B
#
# COMPACT_ATOMS: atom_id res chain seq x y z
N SER A 1 1.49 -42.57 -18.68
CA SER A 1 0.68 -41.63 -19.46
C SER A 1 0.90 -40.20 -18.97
N SER A 2 -0.20 -39.45 -18.85
CA SER A 2 -0.16 -38.02 -18.52
C SER A 2 -0.93 -37.79 -17.24
N LYS A 3 -0.23 -37.27 -16.22
CA LYS A 3 -0.88 -37.02 -14.94
C LYS A 3 -1.88 -35.87 -15.03
N LEU A 4 -1.57 -34.86 -15.85
CA LEU A 4 -2.49 -33.75 -16.02
C LEU A 4 -3.79 -34.21 -16.69
N GLN A 5 -3.68 -35.10 -17.68
CA GLN A 5 -4.88 -35.65 -18.30
C GLN A 5 -5.67 -36.53 -17.33
N ALA A 6 -4.97 -37.32 -16.52
CA ALA A 6 -5.64 -38.16 -15.53
C ALA A 6 -6.37 -37.31 -14.49
N LEU A 7 -5.82 -36.15 -14.15
CA LEU A 7 -6.44 -35.28 -13.14
C LEU A 7 -7.84 -34.83 -13.59
N PHE A 8 -7.93 -34.27 -14.79
CA PHE A 8 -9.21 -33.75 -15.26
C PHE A 8 -10.15 -34.84 -15.77
N ALA A 9 -9.66 -36.06 -15.94
CA ALA A 9 -10.53 -37.20 -16.20
C ALA A 9 -10.99 -37.88 -14.92
N HIS A 10 -10.40 -37.55 -13.78
CA HIS A 10 -10.76 -38.16 -12.50
C HIS A 10 -12.22 -37.84 -12.17
N PRO A 11 -12.93 -38.77 -11.52
CA PRO A 11 -14.33 -38.49 -11.14
C PRO A 11 -14.53 -37.19 -10.39
N LEU A 12 -13.57 -36.82 -9.54
CA LEU A 12 -13.70 -35.60 -8.73
C LEU A 12 -13.79 -34.36 -9.62
N TYR A 13 -13.00 -34.32 -10.70
CA TYR A 13 -13.00 -33.18 -11.60
C TYR A 13 -14.09 -33.26 -12.66
N ASN A 14 -15.10 -34.10 -12.43
CA ASN A 14 -16.25 -34.16 -13.31
C ASN A 14 -17.56 -34.22 -12.53
N VAL A 15 -17.53 -33.96 -11.23
CA VAL A 15 -18.75 -33.85 -10.43
C VAL A 15 -19.45 -32.53 -10.77
N PRO A 16 -20.73 -32.54 -11.14
CA PRO A 16 -21.44 -31.28 -11.36
C PRO A 16 -21.51 -30.47 -10.07
N GLU A 17 -21.41 -29.15 -10.21
CA GLU A 17 -21.33 -28.26 -9.06
C GLU A 17 -22.73 -27.82 -8.64
N GLU A 18 -22.95 -27.79 -7.32
CA GLU A 18 -24.25 -27.43 -6.75
C GLU A 18 -24.17 -26.05 -6.09
N PRO A 19 -25.23 -25.23 -6.22
CA PRO A 19 -26.42 -25.54 -7.03
C PRO A 19 -26.20 -25.22 -8.51
N PRO A 20 -26.86 -25.95 -9.40
CA PRO A 20 -26.66 -25.70 -10.83
C PRO A 20 -27.11 -24.29 -11.20
N LEU A 21 -26.50 -23.76 -12.26
CA LEU A 21 -26.79 -22.38 -12.67
C LEU A 21 -28.20 -22.28 -13.24
N LEU A 22 -28.95 -21.29 -12.75
CA LEU A 22 -30.32 -21.05 -13.19
C LEU A 22 -30.41 -19.99 -14.27
N GLY A 23 -29.37 -19.85 -15.09
CA GLY A 23 -29.39 -18.95 -16.23
C GLY A 23 -29.13 -17.49 -15.94
N ALA A 24 -30.20 -16.69 -15.86
CA ALA A 24 -30.09 -15.24 -15.84
C ALA A 24 -29.41 -14.69 -14.59
N GLU A 25 -30.05 -14.86 -13.43
CA GLU A 25 -29.55 -14.27 -12.20
C GLU A 25 -28.19 -14.80 -11.78
N ASP A 26 -27.69 -15.88 -12.41
CA ASP A 26 -26.42 -16.47 -12.05
C ASP A 26 -25.27 -16.03 -12.96
N SER A 27 -25.57 -15.38 -14.08
CA SER A 27 -24.53 -14.86 -14.96
C SER A 27 -24.15 -13.44 -14.55
N LEU A 28 -22.90 -13.09 -14.80
CA LEU A 28 -22.42 -11.74 -14.45
C LEU A 28 -23.05 -10.69 -15.36
N LEU A 29 -22.91 -10.86 -16.66
CA LEU A 29 -23.38 -9.87 -17.62
C LEU A 29 -24.71 -10.30 -18.23
N ALA A 30 -25.52 -9.30 -18.57
CA ALA A 30 -26.68 -9.50 -19.44
C ALA A 30 -26.20 -9.42 -20.87
N SER A 31 -26.45 -10.48 -21.64
CA SER A 31 -25.82 -10.61 -22.96
C SER A 31 -26.16 -9.43 -23.86
N GLN A 32 -27.45 -9.12 -24.00
CA GLN A 32 -27.86 -8.08 -24.93
C GLN A 32 -27.40 -6.69 -24.47
N GLU A 33 -27.46 -6.43 -23.17
CA GLU A 33 -27.01 -5.14 -22.66
C GLU A 33 -25.50 -4.99 -22.79
N ALA A 34 -24.76 -6.06 -22.53
CA ALA A 34 -23.30 -5.99 -22.63
C ALA A 34 -22.83 -5.90 -24.08
N LEU A 35 -23.55 -6.56 -24.99
CA LEU A 35 -23.12 -6.59 -26.39
C LEU A 35 -23.30 -5.23 -27.06
N ARG A 36 -24.40 -4.53 -26.75
CA ARG A 36 -24.59 -3.20 -27.33
C ARG A 36 -23.60 -2.21 -26.73
N TYR A 37 -23.18 -2.43 -25.48
CA TYR A 37 -22.14 -1.59 -24.89
C TYR A 37 -20.81 -1.79 -25.59
N TYR A 38 -20.45 -3.04 -25.88
CA TYR A 38 -19.22 -3.31 -26.61
C TYR A 38 -19.29 -2.82 -28.04
N ARG A 39 -20.47 -2.86 -28.66
CA ARG A 39 -20.60 -2.37 -30.04
C ARG A 39 -20.40 -0.87 -30.12
N ARG A 40 -20.88 -0.14 -29.10
CA ARG A 40 -20.65 1.30 -29.06
C ARG A 40 -19.17 1.60 -28.89
N LYS A 41 -18.47 0.79 -28.09
CA LYS A 41 -17.04 0.99 -27.89
C LYS A 41 -16.26 0.72 -29.17
N VAL A 42 -16.66 -0.30 -29.94
CA VAL A 42 -15.98 -0.59 -31.20
C VAL A 42 -16.23 0.52 -32.21
N ALA A 43 -17.46 1.05 -32.24
CA ALA A 43 -17.73 2.20 -33.10
C ALA A 43 -16.94 3.41 -32.65
N ARG A 44 -16.82 3.62 -31.33
CA ARG A 44 -15.99 4.69 -30.81
C ARG A 44 -14.54 4.51 -31.24
N TRP A 45 -14.01 3.30 -31.10
CA TRP A 45 -12.61 3.05 -31.44
C TRP A 45 -12.36 3.26 -32.92
N ASN A 46 -13.31 2.85 -33.78
CA ASN A 46 -13.16 3.09 -35.20
C ASN A 46 -13.21 4.59 -35.53
N ARG A 47 -14.03 5.33 -34.79
CA ARG A 47 -14.07 6.79 -34.96
C ARG A 47 -12.74 7.42 -34.55
N ARG A 48 -12.21 7.03 -33.39
CA ARG A 48 -10.90 7.54 -32.98
C ARG A 48 -9.81 7.11 -33.96
N HIS A 49 -9.89 5.88 -34.45
CA HIS A 49 -8.87 5.38 -35.37
C HIS A 49 -8.97 6.02 -36.74
N LYS A 50 -10.19 6.35 -37.19
CA LYS A 50 -10.34 6.96 -38.50
C LYS A 50 -9.81 8.39 -38.52
N MET A 51 -10.03 9.14 -37.44
CA MET A 51 -9.52 10.52 -37.39
C MET A 51 -8.01 10.54 -37.19
N TYR A 52 -7.48 9.66 -36.35
CA TYR A 52 -6.05 9.65 -36.09
C TYR A 52 -5.26 9.28 -37.34
N ARG A 53 -5.76 8.32 -38.12
CA ARG A 53 -5.06 7.92 -39.34
C ARG A 53 -5.15 9.00 -40.41
N GLU A 54 -6.24 9.78 -40.42
CA GLU A 54 -6.36 10.87 -41.37
C GLU A 54 -5.42 12.02 -41.02
N GLN A 55 -5.19 12.26 -39.73
CA GLN A 55 -4.24 13.31 -39.33
C GLN A 55 -2.84 13.02 -39.84
N MET A 56 -2.51 11.76 -40.10
CA MET A 56 -1.21 11.40 -40.65
C MET A 56 -1.29 11.29 -42.17
N ASP A 62 -7.86 1.58 -44.34
CA ASP A 62 -8.06 0.21 -43.87
C ASP A 62 -9.51 -0.01 -43.46
N PRO A 63 -10.01 -1.24 -43.60
CA PRO A 63 -11.39 -1.51 -43.24
C PRO A 63 -11.59 -1.43 -41.74
N PRO A 64 -12.80 -1.11 -41.29
CA PRO A 64 -13.03 -0.92 -39.85
C PRO A 64 -13.10 -2.25 -39.11
N LEU A 65 -13.07 -2.14 -37.79
CA LEU A 65 -13.20 -3.28 -36.89
C LEU A 65 -14.67 -3.54 -36.61
N GLN A 66 -15.05 -4.81 -36.55
CA GLN A 66 -16.42 -5.19 -36.21
C GLN A 66 -16.39 -6.14 -35.02
N LEU A 67 -17.27 -5.89 -34.05
CA LEU A 67 -17.38 -6.71 -32.85
C LEU A 67 -17.99 -8.06 -33.19
N ARG A 68 -17.19 -9.12 -33.12
CA ARG A 68 -17.62 -10.47 -33.46
C ARG A 68 -17.99 -11.22 -32.19
N LEU A 69 -19.23 -11.71 -32.14
CA LEU A 69 -19.73 -12.41 -30.96
C LEU A 69 -18.91 -13.64 -30.61
N GLU A 70 -18.31 -14.29 -31.60
CA GLU A 70 -17.57 -15.52 -31.36
C GLU A 70 -16.15 -15.29 -30.87
N ALA A 71 -15.76 -14.04 -30.60
CA ALA A 71 -14.42 -13.77 -30.09
C ALA A 71 -14.23 -14.41 -28.73
N SER A 72 -12.99 -14.81 -28.45
CA SER A 72 -12.69 -15.53 -27.20
C SER A 72 -13.07 -14.70 -25.98
N TRP A 73 -12.62 -13.45 -25.93
CA TRP A 73 -12.85 -12.63 -24.74
C TRP A 73 -14.32 -12.31 -24.55
N VAL A 74 -15.09 -12.21 -25.63
CA VAL A 74 -16.52 -11.95 -25.50
C VAL A 74 -17.20 -13.13 -24.82
N GLN A 75 -16.92 -14.35 -25.30
CA GLN A 75 -17.47 -15.54 -24.65
C GLN A 75 -16.92 -15.69 -23.23
N PHE A 76 -15.66 -15.30 -23.01
CA PHE A 76 -15.11 -15.27 -21.66
C PHE A 76 -15.95 -14.40 -20.74
N HIS A 77 -16.24 -13.16 -21.18
CA HIS A 77 -17.04 -12.26 -20.37
C HIS A 77 -18.44 -12.80 -20.14
N LEU A 78 -19.07 -13.31 -21.20
CA LEU A 78 -20.42 -13.86 -21.06
C LEU A 78 -20.43 -15.17 -20.29
N GLY A 79 -19.28 -15.84 -20.15
CA GLY A 79 -19.21 -17.07 -19.41
C GLY A 79 -19.02 -16.92 -17.92
N ILE A 80 -18.66 -15.71 -17.47
CA ILE A 80 -18.51 -15.46 -16.04
C ILE A 80 -19.85 -15.63 -15.37
N ASN A 81 -19.90 -16.49 -14.35
CA ASN A 81 -21.14 -16.78 -13.63
C ASN A 81 -20.83 -16.92 -12.15
N ARG A 82 -21.87 -17.26 -11.37
CA ARG A 82 -21.77 -17.34 -9.92
C ARG A 82 -20.76 -18.38 -9.44
N HIS A 83 -20.28 -19.27 -10.31
CA HIS A 83 -19.37 -20.32 -9.90
C HIS A 83 -17.90 -20.01 -10.18
N GLY A 84 -17.61 -18.91 -10.86
CA GLY A 84 -16.23 -18.55 -11.11
C GLY A 84 -16.09 -17.76 -12.40
N LEU A 85 -14.84 -17.37 -12.66
CA LEU A 85 -14.55 -16.58 -13.86
C LEU A 85 -14.71 -17.41 -15.13
N TYR A 86 -14.53 -18.72 -15.05
CA TYR A 86 -14.61 -19.57 -16.22
C TYR A 86 -15.03 -20.97 -15.79
N SER A 87 -15.33 -21.80 -16.77
CA SER A 87 -15.83 -23.15 -16.53
C SER A 87 -14.70 -24.16 -16.51
N ARG A 88 -14.98 -25.32 -15.91
CA ARG A 88 -14.00 -26.38 -15.84
C ARG A 88 -13.82 -27.05 -17.20
N SER A 89 -12.57 -27.30 -17.57
CA SER A 89 -12.21 -27.87 -18.88
C SER A 89 -12.87 -27.09 -20.01
N SER A 90 -12.70 -25.77 -19.96
CA SER A 90 -13.39 -24.88 -20.88
C SER A 90 -12.61 -24.74 -22.18
N PRO A 91 -13.19 -25.11 -23.33
CA PRO A 91 -12.51 -24.83 -24.60
C PRO A 91 -12.46 -23.34 -24.93
N VAL A 92 -13.34 -22.54 -24.35
CA VAL A 92 -13.27 -21.09 -24.56
C VAL A 92 -12.00 -20.53 -23.93
N VAL A 93 -11.64 -21.02 -22.75
CA VAL A 93 -10.41 -20.58 -22.10
C VAL A 93 -9.19 -20.99 -22.90
N SER A 94 -9.19 -22.23 -23.42
CA SER A 94 -8.07 -22.69 -24.24
C SER A 94 -7.88 -21.79 -25.45
N LYS A 95 -8.97 -21.43 -26.12
CA LYS A 95 -8.88 -20.54 -27.28
C LYS A 95 -8.40 -19.15 -26.86
N LEU A 96 -8.85 -18.67 -25.69
CA LEU A 96 -8.43 -17.35 -25.23
C LEU A 96 -6.93 -17.31 -24.95
N LEU A 97 -6.40 -18.38 -24.33
CA LEU A 97 -4.96 -18.44 -24.08
C LEU A 97 -4.18 -18.39 -25.38
N GLN A 98 -4.64 -19.12 -26.40
CA GLN A 98 -3.97 -19.09 -27.70
C GLN A 98 -4.12 -17.73 -28.37
N ASP A 99 -5.30 -17.09 -28.23
CA ASP A 99 -5.53 -15.81 -28.89
C ASP A 99 -4.64 -14.72 -28.29
N MET A 100 -4.52 -14.66 -26.97
CA MET A 100 -3.65 -13.68 -26.35
C MET A 100 -2.19 -13.93 -26.71
N ARG A 101 -1.84 -15.17 -27.04
CA ARG A 101 -0.46 -15.53 -27.33
C ARG A 101 -0.05 -15.17 -28.76
N HIS A 102 -1.01 -15.14 -29.69
CA HIS A 102 -0.69 -15.04 -31.11
C HIS A 102 -1.32 -13.85 -31.82
N PHE A 103 -2.48 -13.36 -31.37
CA PHE A 103 -3.16 -12.30 -32.11
C PHE A 103 -2.29 -11.05 -32.14
N PRO A 104 -2.24 -10.34 -33.26
CA PRO A 104 -1.52 -9.07 -33.31
C PRO A 104 -2.26 -8.00 -32.53
N THR A 105 -1.51 -6.97 -32.14
CA THR A 105 -2.07 -5.85 -31.39
C THR A 105 -2.46 -4.72 -32.33
N ILE A 106 -3.45 -3.95 -31.93
CA ILE A 106 -3.89 -2.78 -32.69
C ILE A 106 -3.80 -1.49 -31.91
N SER A 107 -3.72 -1.54 -30.59
CA SER A 107 -3.58 -0.33 -29.78
C SER A 107 -2.81 -0.69 -28.51
N ALA A 108 -2.20 0.33 -27.92
CA ALA A 108 -1.47 0.18 -26.66
C ALA A 108 -1.52 1.51 -25.93
N ASP A 109 -1.58 1.43 -24.61
CA ASP A 109 -1.68 2.64 -23.78
C ASP A 109 -1.16 2.31 -22.39
N TYR A 110 -1.12 3.33 -21.54
CA TYR A 110 -0.82 3.12 -20.14
C TYR A 110 -2.04 2.56 -19.42
N SER A 111 -1.80 1.94 -18.27
CA SER A 111 -2.89 1.58 -17.38
C SER A 111 -3.55 2.85 -16.85
N GLN A 112 -4.85 2.75 -16.57
CA GLN A 112 -5.60 3.93 -16.16
C GLN A 112 -5.09 4.49 -14.83
N ASP A 113 -4.69 3.60 -13.91
CA ASP A 113 -4.20 4.05 -12.61
C ASP A 113 -2.84 4.72 -12.69
N GLU A 114 -2.11 4.53 -13.81
CA GLU A 114 -0.81 5.13 -13.98
C GLU A 114 -0.84 6.40 -14.84
N LYS A 115 -1.91 6.60 -15.60
CA LYS A 115 -2.09 7.89 -16.26
C LYS A 115 -2.25 9.01 -15.25
N ALA A 116 -2.65 8.68 -14.02
CA ALA A 116 -2.79 9.69 -12.98
C ALA A 116 -1.43 10.18 -12.49
N LEU A 117 -0.46 9.27 -12.35
CA LEU A 117 0.85 9.62 -11.82
C LEU A 117 1.76 10.29 -12.86
N LEU A 118 1.18 10.87 -13.91
CA LEU A 118 1.88 11.71 -14.88
C LEU A 118 1.33 13.12 -14.71
N GLY A 119 1.97 13.93 -13.87
CA GLY A 119 3.26 13.65 -13.25
C GLY A 119 4.16 14.85 -13.47
N ALA A 120 4.34 15.78 -12.51
CA ALA A 120 3.91 15.73 -11.10
C ALA A 120 4.47 14.50 -10.40
N CYS A 121 5.78 14.50 -10.18
CA CYS A 121 6.47 13.33 -9.65
C CYS A 121 6.57 13.42 -8.13
N ASP A 122 5.95 12.46 -7.44
CA ASP A 122 6.04 12.33 -5.99
C ASP A 122 6.39 10.88 -5.69
N CYS A 123 7.52 10.66 -5.02
CA CYS A 123 8.01 9.31 -4.80
C CYS A 123 7.17 8.51 -3.81
N THR A 124 6.27 9.15 -3.08
CA THR A 124 5.41 8.42 -2.17
C THR A 124 4.45 7.51 -2.93
N GLN A 125 3.81 8.03 -3.97
CA GLN A 125 2.84 7.27 -4.77
C GLN A 125 3.50 6.43 -5.86
N ILE A 126 4.82 6.34 -5.89
CA ILE A 126 5.52 5.59 -6.92
C ILE A 126 6.12 4.30 -6.36
N VAL A 127 6.60 4.33 -5.12
CA VAL A 127 7.28 3.17 -4.55
C VAL A 127 6.30 2.34 -3.71
N LYS A 128 5.00 2.47 -3.99
CA LYS A 128 3.96 1.71 -3.32
C LYS A 128 4.14 0.21 -3.55
N SER A 130 4.41 -3.23 -4.56
CA SER A 130 3.42 -4.07 -5.24
C SER A 130 2.98 -3.45 -6.56
N GLY A 131 3.48 -2.25 -6.84
CA GLY A 131 3.13 -1.54 -8.05
C GLY A 131 4.09 -1.83 -9.19
N VAL A 132 3.54 -2.19 -10.34
CA VAL A 132 4.30 -2.43 -11.56
C VAL A 132 4.02 -1.23 -12.45
N HIS A 133 4.93 -0.25 -12.45
CA HIS A 133 4.74 0.98 -13.20
C HIS A 133 5.06 0.85 -14.69
N LEU A 134 5.78 -0.19 -15.11
CA LEU A 134 6.12 -0.36 -16.51
C LEU A 134 5.11 -1.23 -17.25
N LYS A 135 4.03 -1.63 -16.60
CA LYS A 135 3.00 -2.42 -17.25
C LYS A 135 2.18 -1.56 -18.22
N LEU A 136 1.62 -2.23 -19.24
CA LEU A 136 0.83 -1.58 -20.28
C LEU A 136 -0.40 -2.43 -20.56
N VAL A 137 -1.42 -1.77 -21.11
CA VAL A 137 -2.63 -2.45 -21.56
C VAL A 137 -2.58 -2.56 -23.09
N LEU A 138 -2.64 -3.79 -23.60
CA LEU A 138 -2.61 -4.06 -25.03
C LEU A 138 -4.00 -4.45 -25.51
N ARG A 139 -4.33 -4.03 -26.73
CA ARG A 139 -5.59 -4.39 -27.37
C ARG A 139 -5.29 -5.20 -28.63
N PHE A 140 -5.97 -6.34 -28.78
CA PHE A 140 -5.72 -7.24 -29.89
C PHE A 140 -6.66 -6.97 -31.05
N SER A 141 -6.41 -7.66 -32.17
CA SER A 141 -7.18 -7.46 -33.38
C SER A 141 -8.64 -7.86 -33.23
N ASP A 142 -8.97 -8.71 -32.27
CA ASP A 142 -10.35 -9.06 -31.97
C ASP A 142 -10.98 -8.13 -30.94
N PHE A 143 -10.36 -6.98 -30.69
CA PHE A 143 -10.76 -5.92 -29.77
C PHE A 143 -10.58 -6.31 -28.31
N GLY A 144 -10.03 -7.49 -28.02
CA GLY A 144 -9.80 -7.87 -26.64
C GLY A 144 -8.61 -7.16 -26.04
N LYS A 145 -8.61 -7.05 -24.71
CA LYS A 145 -7.59 -6.33 -23.98
C LYS A 145 -6.93 -7.23 -22.95
N ALA A 146 -5.63 -7.03 -22.74
CA ALA A 146 -4.87 -7.76 -21.75
C ALA A 146 -3.92 -6.82 -21.03
N MET A 147 -3.62 -7.15 -19.77
CA MET A 147 -2.65 -6.42 -18.97
C MET A 147 -1.27 -7.03 -19.19
N PHE A 148 -0.38 -6.27 -19.84
CA PHE A 148 0.98 -6.74 -20.11
C PHE A 148 1.91 -6.28 -18.99
N LYS A 149 2.45 -7.24 -18.25
CA LYS A 149 3.46 -6.95 -17.24
C LYS A 149 4.81 -7.45 -17.73
N PRO A 150 5.74 -6.57 -18.09
CA PRO A 150 7.03 -7.02 -18.61
C PRO A 150 7.90 -7.64 -17.53
N MET A 151 8.83 -8.46 -17.98
CA MET A 151 9.80 -9.08 -17.07
C MET A 151 10.66 -8.01 -16.41
N ARG A 152 10.93 -8.21 -15.11
CA ARG A 152 11.87 -7.35 -14.40
C ARG A 152 13.28 -7.64 -14.90
N GLN A 153 13.93 -6.60 -15.46
CA GLN A 153 15.25 -6.75 -16.05
C GLN A 153 16.35 -6.05 -15.27
N GLN A 154 16.07 -4.87 -14.70
CA GLN A 154 17.12 -4.09 -14.08
C GLN A 154 17.56 -4.70 -12.76
N ARG A 155 18.86 -4.87 -12.59
CA ARG A 155 19.41 -5.29 -11.31
C ARG A 155 19.21 -4.18 -10.28
N ASP A 156 19.34 -4.54 -9.01
CA ASP A 156 19.10 -3.57 -7.95
C ASP A 156 20.18 -2.49 -7.88
N GLU A 157 21.33 -2.69 -8.52
CA GLU A 157 22.30 -1.61 -8.61
C GLU A 157 21.78 -0.45 -9.45
N GLU A 158 20.94 -0.75 -10.45
CA GLU A 158 20.30 0.28 -11.25
C GLU A 158 19.09 0.88 -10.56
N THR A 159 18.65 0.31 -9.44
CA THR A 159 17.48 0.78 -8.70
C THR A 159 17.91 0.95 -7.25
N PRO A 160 18.61 2.05 -6.93
CA PRO A 160 19.21 2.17 -5.59
C PRO A 160 18.20 2.15 -4.45
N VAL A 161 16.96 2.58 -4.69
CA VAL A 161 15.98 2.64 -3.62
C VAL A 161 15.35 1.28 -3.34
N ASP A 162 15.31 0.38 -4.31
CA ASP A 162 14.66 -0.90 -4.13
C ASP A 162 15.46 -1.80 -3.19
N PHE A 163 14.77 -2.45 -2.26
CA PHE A 163 15.37 -3.42 -1.37
C PHE A 163 15.35 -4.80 -2.03
N PHE A 164 16.51 -5.47 -2.03
CA PHE A 164 16.70 -6.68 -2.83
C PHE A 164 15.60 -7.72 -2.59
N TYR A 165 15.34 -8.06 -1.33
CA TYR A 165 14.41 -9.13 -1.00
C TYR A 165 12.96 -8.72 -1.15
N PHE A 166 12.68 -7.53 -1.70
CA PHE A 166 11.32 -7.11 -2.02
C PHE A 166 11.09 -7.00 -3.52
N ILE A 167 12.11 -7.23 -4.34
CA ILE A 167 12.00 -7.03 -5.78
C ILE A 167 11.23 -8.19 -6.39
N ASP A 168 10.28 -7.87 -7.27
CA ASP A 168 9.44 -8.87 -7.93
C ASP A 168 10.17 -9.40 -9.18
N PHE A 169 11.25 -10.15 -8.93
CA PHE A 169 12.01 -10.73 -10.04
C PHE A 169 11.18 -11.76 -10.80
N GLN A 170 10.40 -12.55 -10.07
CA GLN A 170 9.55 -13.58 -10.64
C GLN A 170 8.19 -13.04 -11.08
N ARG A 171 8.09 -11.73 -11.31
CA ARG A 171 6.80 -11.07 -11.45
C ARG A 171 5.95 -11.66 -12.58
N HIS A 172 6.52 -11.74 -13.79
CA HIS A 172 5.72 -12.20 -14.93
C HIS A 172 5.46 -13.70 -14.87
N ASN A 173 6.46 -14.49 -14.41
CA ASN A 173 6.24 -15.91 -14.24
C ASN A 173 5.17 -16.20 -13.20
N ALA A 174 5.04 -15.33 -12.19
CA ALA A 174 4.09 -15.57 -11.11
C ALA A 174 2.66 -15.42 -11.59
N GLU A 175 2.40 -14.42 -12.45
CA GLU A 175 1.06 -14.26 -12.99
C GLU A 175 0.64 -15.47 -13.81
N ILE A 176 1.55 -16.00 -14.62
CA ILE A 176 1.24 -17.17 -15.43
C ILE A 176 0.99 -18.38 -14.54
N ALA A 177 1.94 -18.68 -13.65
CA ALA A 177 1.83 -19.88 -12.83
C ALA A 177 0.66 -19.81 -11.86
N ALA A 178 0.27 -18.60 -11.43
CA ALA A 178 -0.87 -18.49 -10.53
C ALA A 178 -2.16 -18.86 -11.22
N PHE A 179 -2.28 -18.58 -12.52
CA PHE A 179 -3.46 -19.01 -13.26
C PHE A 179 -3.49 -20.52 -13.44
N HIS A 180 -2.33 -21.12 -13.78
CA HIS A 180 -2.29 -22.56 -13.98
C HIS A 180 -2.61 -23.31 -12.69
N LEU A 181 -2.11 -22.82 -11.56
CA LEU A 181 -2.46 -23.42 -10.28
C LEU A 181 -3.93 -23.21 -9.95
N ASP A 182 -4.47 -22.05 -10.30
CA ASP A 182 -5.89 -21.77 -10.09
C ASP A 182 -6.75 -22.77 -10.86
N ARG A 183 -6.36 -23.09 -12.09
CA ARG A 183 -7.12 -24.04 -12.90
C ARG A 183 -6.98 -25.46 -12.36
N ILE A 184 -5.78 -25.83 -11.92
CA ILE A 184 -5.55 -27.18 -11.41
C ILE A 184 -6.29 -27.39 -10.09
N LEU A 185 -6.27 -26.38 -9.21
CA LEU A 185 -7.03 -26.46 -7.98
C LEU A 185 -8.54 -26.42 -8.22
N ASP A 186 -8.96 -26.04 -9.42
CA ASP A 186 -10.38 -25.87 -9.75
C ASP A 186 -11.02 -24.76 -8.92
N PHE A 187 -10.23 -23.76 -8.50
CA PHE A 187 -10.82 -22.56 -7.93
C PHE A 187 -11.46 -21.70 -9.00
N ARG A 188 -10.81 -21.57 -10.16
CA ARG A 188 -11.35 -20.84 -11.30
C ARG A 188 -11.68 -19.39 -10.91
N ARG A 189 -10.70 -18.75 -10.26
CA ARG A 189 -10.91 -17.41 -9.70
C ARG A 189 -9.89 -16.37 -10.15
N VAL A 190 -8.90 -16.73 -10.95
CA VAL A 190 -7.97 -15.72 -11.47
C VAL A 190 -8.13 -15.65 -12.98
N PRO A 191 -7.93 -14.49 -13.60
CA PRO A 191 -8.14 -14.38 -15.05
C PRO A 191 -7.12 -15.19 -15.82
N PRO A 192 -7.48 -15.71 -16.98
CA PRO A 192 -6.51 -16.44 -17.80
C PRO A 192 -5.29 -15.58 -18.14
N THR A 193 -4.12 -16.20 -18.09
CA THR A 193 -2.86 -15.50 -18.23
C THR A 193 -1.89 -16.35 -19.05
N VAL A 194 -1.22 -15.71 -20.00
CA VAL A 194 -0.24 -16.38 -20.84
C VAL A 194 1.05 -15.57 -20.85
N GLY A 195 2.15 -16.26 -21.18
CA GLY A 195 3.38 -15.60 -21.50
C GLY A 195 3.45 -15.30 -23.00
N ARG A 196 4.21 -14.27 -23.33
CA ARG A 196 4.36 -13.89 -24.72
C ARG A 196 5.67 -13.13 -24.89
N ILE A 197 6.40 -13.44 -25.95
CA ILE A 197 7.59 -12.69 -26.32
C ILE A 197 7.15 -11.61 -27.28
N VAL A 198 7.24 -10.35 -26.85
CA VAL A 198 6.59 -9.22 -27.52
C VAL A 198 7.66 -8.38 -28.20
N ASN A 199 7.41 -8.06 -29.48
CA ASN A 199 8.21 -7.08 -30.21
C ASN A 199 7.76 -5.69 -29.77
N VAL A 200 8.56 -5.06 -28.90
CA VAL A 200 8.14 -3.78 -28.33
C VAL A 200 8.07 -2.70 -29.40
N THR A 201 8.83 -2.84 -30.48
CA THR A 201 8.77 -1.87 -31.56
C THR A 201 7.50 -2.05 -32.39
N LYS A 202 7.26 -3.26 -32.88
CA LYS A 202 6.15 -3.49 -33.80
C LYS A 202 4.81 -3.47 -33.07
N GLU A 203 4.75 -4.07 -31.87
CA GLU A 203 3.48 -4.34 -31.20
C GLU A 203 3.15 -3.36 -30.10
N ILE A 204 3.99 -2.34 -29.85
CA ILE A 204 3.69 -1.35 -28.83
C ILE A 204 3.94 0.06 -29.35
N LEU A 205 5.17 0.35 -29.76
CA LEU A 205 5.53 1.71 -30.16
C LEU A 205 4.77 2.13 -31.42
N GLU A 206 4.65 1.25 -32.40
CA GLU A 206 4.06 1.61 -33.68
C GLU A 206 2.54 1.53 -33.71
N VAL A 207 1.89 1.09 -32.63
CA VAL A 207 0.44 0.96 -32.59
C VAL A 207 -0.21 1.89 -31.57
N THR A 208 0.56 2.52 -30.68
CA THR A 208 -0.04 3.36 -29.65
C THR A 208 -0.39 4.73 -30.20
N LYS A 209 -1.50 5.29 -29.71
CA LYS A 209 -1.90 6.64 -30.01
C LYS A 209 -1.57 7.62 -28.90
N ASN A 210 -0.92 7.15 -27.83
CA ASN A 210 -0.56 8.00 -26.69
C ASN A 210 0.80 8.62 -26.99
N GLU A 211 0.82 9.95 -27.16
CA GLU A 211 2.06 10.63 -27.54
C GLU A 211 3.11 10.53 -26.44
N ILE A 212 2.68 10.49 -25.18
CA ILE A 212 3.64 10.37 -24.07
C ILE A 212 4.36 9.04 -24.14
N LEU A 213 3.62 7.95 -24.36
CA LEU A 213 4.23 6.64 -24.50
C LEU A 213 5.17 6.58 -25.70
N GLN A 214 4.84 7.31 -26.76
CA GLN A 214 5.74 7.38 -27.92
C GLN A 214 7.06 8.03 -27.54
N SER A 215 7.01 9.09 -26.72
CA SER A 215 8.20 9.87 -26.41
C SER A 215 9.14 9.17 -25.44
N VAL A 216 8.66 8.19 -24.68
CA VAL A 216 9.50 7.52 -23.69
C VAL A 216 10.26 6.34 -24.28
N PHE A 217 10.06 6.02 -25.55
CA PHE A 217 10.86 5.00 -26.21
C PHE A 217 12.19 5.59 -26.66
N PHE A 218 13.26 4.81 -26.53
CA PHE A 218 14.59 5.25 -26.90
C PHE A 218 15.43 4.03 -27.24
N VAL A 219 16.58 4.28 -27.87
CA VAL A 219 17.51 3.24 -28.25
C VAL A 219 18.65 3.21 -27.24
N SER A 220 18.89 2.03 -26.67
CA SER A 220 19.95 1.88 -25.68
C SER A 220 21.31 2.05 -26.33
N PRO A 221 22.31 2.51 -25.56
CA PRO A 221 23.68 2.54 -26.09
C PRO A 221 24.17 1.18 -26.56
N ALA A 222 23.61 0.09 -26.03
CA ALA A 222 23.90 -1.25 -26.50
C ALA A 222 23.02 -1.66 -27.69
N SER A 223 22.42 -0.68 -28.38
CA SER A 223 21.61 -0.89 -29.58
C SER A 223 20.36 -1.71 -29.30
N ASN A 224 19.80 -1.60 -28.10
CA ASN A 224 18.54 -2.22 -27.75
C ASN A 224 17.43 -1.18 -27.71
N VAL A 225 16.22 -1.60 -28.04
CA VAL A 225 15.05 -0.72 -28.00
C VAL A 225 14.44 -0.79 -26.61
N CYS A 226 14.26 0.37 -25.99
CA CYS A 226 13.79 0.45 -24.61
C CYS A 226 12.73 1.54 -24.50
N PHE A 227 11.89 1.41 -23.47
CA PHE A 227 11.05 2.51 -23.03
C PHE A 227 11.16 2.62 -21.51
N PHE A 228 10.97 3.82 -21.00
CA PHE A 228 11.22 4.09 -19.58
C PHE A 228 10.08 4.91 -18.98
N ALA A 229 10.07 4.97 -17.66
CA ALA A 229 9.13 5.77 -16.89
C ALA A 229 9.91 6.88 -16.18
N LYS A 230 9.52 8.13 -16.44
CA LYS A 230 10.33 9.27 -16.01
C LYS A 230 10.33 9.42 -14.49
N CYS A 231 9.15 9.37 -13.88
CA CYS A 231 9.04 9.60 -12.44
C CYS A 231 9.71 8.49 -11.63
N PRO A 232 9.52 7.20 -11.97
CA PRO A 232 10.31 6.16 -11.28
C PRO A 232 11.81 6.33 -11.43
N TYR A 233 12.29 6.85 -12.56
CA TYR A 233 13.72 7.04 -12.72
C TYR A 233 14.26 8.07 -11.74
N MET A 234 13.53 9.17 -11.55
CA MET A 234 13.96 10.19 -10.60
C MET A 234 13.90 9.68 -9.16
N CYS A 235 12.97 8.78 -8.87
CA CYS A 235 12.87 8.19 -7.54
C CYS A 235 13.81 7.02 -7.34
N LYS A 236 14.63 6.70 -8.34
CA LYS A 236 15.69 5.70 -8.23
C LYS A 236 15.13 4.31 -7.92
N THR A 237 14.01 3.97 -8.56
CA THR A 237 13.45 2.64 -8.55
C THR A 237 13.47 2.09 -9.98
N GLU A 238 12.80 0.95 -10.19
CA GLU A 238 12.78 0.35 -11.52
C GLU A 238 12.14 1.31 -12.52
N TYR A 239 12.83 1.55 -13.63
CA TYR A 239 12.37 2.57 -14.56
C TYR A 239 12.47 2.19 -16.04
N ALA A 240 13.09 1.07 -16.41
CA ALA A 240 13.22 0.77 -17.82
C ALA A 240 13.23 -0.73 -18.05
N VAL A 241 12.65 -1.14 -19.18
CA VAL A 241 12.77 -2.49 -19.72
C VAL A 241 13.14 -2.38 -21.20
N CYS A 242 13.83 -3.40 -21.70
CA CYS A 242 14.38 -3.36 -23.04
C CYS A 242 14.14 -4.67 -23.78
N GLY A 243 13.92 -4.55 -25.09
CA GLY A 243 14.02 -5.70 -25.96
C GLY A 243 15.48 -6.04 -26.21
N LYS A 244 15.71 -7.19 -26.85
CA LYS A 244 17.06 -7.63 -27.17
C LYS A 244 17.12 -8.12 -28.63
N PRO A 245 17.14 -7.18 -29.60
CA PRO A 245 17.02 -5.74 -29.39
C PRO A 245 15.57 -5.26 -29.42
N HIS A 246 14.67 -6.12 -29.88
CA HIS A 246 13.25 -5.80 -29.96
C HIS A 246 12.37 -6.67 -29.09
N LEU A 247 12.73 -7.94 -28.86
CA LEU A 247 11.85 -8.89 -28.21
C LEU A 247 11.97 -8.80 -26.70
N LEU A 248 10.83 -8.75 -26.02
CA LEU A 248 10.76 -8.66 -24.56
C LEU A 248 9.66 -9.58 -24.07
N GLU A 249 9.99 -10.47 -23.14
CA GLU A 249 9.01 -11.40 -22.60
C GLU A 249 8.31 -10.81 -21.39
N GLY A 250 7.03 -11.15 -21.24
CA GLY A 250 6.21 -10.67 -20.16
C GLY A 250 4.96 -11.50 -20.04
N SER A 251 4.08 -11.09 -19.13
CA SER A 251 2.85 -11.81 -18.86
C SER A 251 1.65 -11.01 -19.38
N LEU A 252 0.66 -11.72 -19.90
CA LEU A 252 -0.56 -11.12 -20.43
C LEU A 252 -1.74 -11.71 -19.68
N SER A 253 -2.54 -10.85 -19.05
CA SER A 253 -3.68 -11.26 -18.25
C SER A 253 -4.95 -10.72 -18.89
N ALA A 254 -5.94 -11.58 -19.11
CA ALA A 254 -7.14 -11.20 -19.83
C ALA A 254 -7.95 -10.21 -19.00
N PHE A 255 -8.40 -9.13 -19.66
CA PHE A 255 -9.17 -8.10 -18.97
C PHE A 255 -10.54 -8.62 -18.54
N LEU A 256 -10.93 -8.27 -17.32
CA LEU A 256 -12.27 -8.52 -16.85
C LEU A 256 -13.23 -7.55 -17.55
N PRO A 257 -14.54 -7.78 -17.45
CA PRO A 257 -15.48 -6.84 -18.06
C PRO A 257 -15.37 -5.46 -17.43
N SER A 258 -15.75 -4.45 -18.22
CA SER A 258 -15.70 -3.06 -17.76
C SER A 258 -16.46 -2.89 -16.44
N LEU A 259 -15.93 -2.00 -15.59
CA LEU A 259 -16.61 -1.68 -14.34
C LEU A 259 -17.97 -1.05 -14.58
N ASN A 260 -18.18 -0.46 -15.77
CA ASN A 260 -19.51 0.02 -16.12
C ASN A 260 -20.50 -1.13 -16.24
N LEU A 261 -20.04 -2.28 -16.73
CA LEU A 261 -20.89 -3.46 -16.85
C LEU A 261 -20.93 -4.29 -15.57
N ALA A 262 -19.82 -4.37 -14.85
CA ALA A 262 -19.73 -5.21 -13.64
C ALA A 262 -18.89 -4.51 -12.60
N PRO A 263 -19.53 -3.75 -11.70
CA PRO A 263 -18.77 -3.06 -10.65
C PRO A 263 -18.16 -4.05 -9.67
N ARG A 264 -17.01 -3.66 -9.13
CA ARG A 264 -16.27 -4.49 -8.19
C ARG A 264 -15.96 -3.71 -6.92
N LEU A 265 -15.88 -4.44 -5.81
CA LEU A 265 -15.51 -3.89 -4.52
C LEU A 265 -14.15 -4.44 -4.08
N SER A 266 -13.38 -3.61 -3.40
CA SER A 266 -12.14 -4.04 -2.77
C SER A 266 -12.38 -4.17 -1.26
N VAL A 267 -11.96 -5.30 -0.70
CA VAL A 267 -12.20 -5.59 0.72
C VAL A 267 -10.87 -5.90 1.39
N PRO A 268 -10.57 -5.31 2.55
CA PRO A 268 -9.31 -5.64 3.23
C PRO A 268 -9.31 -7.07 3.75
N ASN A 269 -8.14 -7.70 3.66
CA ASN A 269 -7.89 -9.04 4.18
C ASN A 269 -7.63 -8.96 5.68
N PRO A 270 -8.53 -9.47 6.52
CA PRO A 270 -8.34 -9.37 7.97
C PRO A 270 -7.12 -10.12 8.50
N TRP A 271 -6.50 -10.99 7.71
CA TRP A 271 -5.34 -11.74 8.12
C TRP A 271 -4.07 -11.31 7.39
N ILE A 272 -4.07 -10.11 6.82
CA ILE A 272 -2.89 -9.61 6.11
C ILE A 272 -1.71 -9.47 7.06
N ARG A 273 -1.96 -9.20 8.34
CA ARG A 273 -0.90 -9.03 9.32
C ARG A 273 -1.06 -10.06 10.43
N SER A 274 0.08 -10.50 10.97
CA SER A 274 0.11 -11.34 12.15
C SER A 274 0.53 -10.51 13.36
N TYR A 275 0.24 -11.05 14.55
CA TYR A 275 0.49 -10.34 15.79
C TYR A 275 1.20 -11.27 16.77
N THR A 276 2.08 -10.69 17.59
CA THR A 276 2.80 -11.45 18.61
C THR A 276 1.94 -11.49 19.86
N LEU A 277 1.28 -12.64 20.08
CA LEU A 277 0.46 -12.81 21.26
C LEU A 277 1.35 -13.01 22.49
N ALA A 278 0.78 -12.69 23.66
CA ALA A 278 1.49 -12.87 24.91
C ALA A 278 1.88 -14.33 25.10
N GLY A 279 3.18 -14.58 25.23
CA GLY A 279 3.75 -15.91 25.26
C GLY A 279 3.01 -16.91 26.15
N LYS A 280 2.99 -18.17 25.74
CA LYS A 280 3.69 -18.60 24.54
C LYS A 280 2.73 -19.27 23.57
N GLU A 281 1.58 -18.64 23.36
CA GLU A 281 0.57 -19.14 22.43
C GLU A 281 0.82 -18.52 21.05
N GLU A 282 0.90 -19.37 20.03
CA GLU A 282 1.22 -18.92 18.69
C GLU A 282 0.01 -18.30 17.99
N TRP A 283 0.29 -17.34 17.12
CA TRP A 283 -0.76 -16.56 16.48
C TRP A 283 -1.61 -17.42 15.53
N GLU A 284 -0.96 -18.21 14.68
CA GLU A 284 -1.70 -19.00 13.70
C GLU A 284 -2.55 -20.09 14.34
N VAL A 285 -2.20 -20.54 15.55
CA VAL A 285 -2.92 -21.62 16.20
C VAL A 285 -3.99 -21.12 17.17
N ASN A 286 -3.86 -19.90 17.67
CA ASN A 286 -4.81 -19.37 18.64
C ASN A 286 -6.10 -18.97 17.94
N PRO A 287 -7.25 -19.49 18.36
CA PRO A 287 -8.52 -19.21 17.66
C PRO A 287 -9.25 -17.95 18.07
N LEU A 288 -8.77 -17.23 19.09
CA LEU A 288 -9.52 -16.09 19.62
C LEU A 288 -9.78 -15.03 18.54
N TYR A 289 -8.81 -14.79 17.67
CA TYR A 289 -8.98 -13.78 16.63
C TYR A 289 -10.10 -14.15 15.67
N CYS A 290 -10.09 -15.37 15.15
CA CYS A 290 -11.16 -15.77 14.23
C CYS A 290 -12.51 -15.89 14.94
N ASP A 291 -12.51 -16.27 16.22
CA ASP A 291 -13.75 -16.26 16.99
C ASP A 291 -14.37 -14.86 16.99
N THR A 292 -13.55 -13.82 16.96
CA THR A 292 -14.07 -12.45 16.87
C THR A 292 -14.48 -12.09 15.45
N VAL A 293 -13.66 -12.46 14.47
CA VAL A 293 -13.99 -12.17 13.07
C VAL A 293 -15.27 -12.88 12.67
N LYS A 294 -15.50 -14.09 13.18
CA LYS A 294 -16.73 -14.82 12.88
C LYS A 294 -17.97 -14.03 13.29
N GLN A 295 -17.84 -13.13 14.25
CA GLN A 295 -18.96 -12.33 14.73
C GLN A 295 -19.02 -10.95 14.07
N ILE A 296 -18.22 -10.72 13.03
CA ILE A 296 -18.14 -9.43 12.36
C ILE A 296 -18.61 -9.61 10.92
N TYR A 297 -19.63 -8.85 10.55
CA TYR A 297 -20.10 -8.85 9.16
C TYR A 297 -18.97 -8.45 8.23
N PRO A 298 -18.84 -9.09 7.05
CA PRO A 298 -19.71 -10.14 6.52
C PRO A 298 -19.21 -11.56 6.78
N TYR A 299 -18.29 -11.72 7.73
CA TYR A 299 -17.74 -13.03 8.03
C TYR A 299 -18.61 -13.86 8.96
N ASN A 300 -19.82 -13.41 9.27
CA ASN A 300 -20.72 -14.21 10.09
C ASN A 300 -21.39 -15.32 9.29
N ASN A 301 -21.54 -15.14 7.98
CA ASN A 301 -22.08 -16.19 7.13
C ASN A 301 -20.97 -17.13 6.68
N SER A 302 -21.36 -18.37 6.40
CA SER A 302 -20.37 -19.44 6.22
C SER A 302 -19.54 -19.24 4.94
N GLN A 303 -20.19 -18.87 3.84
CA GLN A 303 -19.52 -18.90 2.54
C GLN A 303 -18.35 -17.91 2.48
N ARG A 304 -18.54 -16.71 3.04
CA ARG A 304 -17.51 -15.68 2.93
C ARG A 304 -16.22 -16.09 3.64
N LEU A 305 -16.34 -16.64 4.85
CA LEU A 305 -15.15 -17.08 5.58
C LEU A 305 -14.47 -18.25 4.88
N LEU A 306 -15.26 -19.18 4.33
CA LEU A 306 -14.67 -20.31 3.61
C LEU A 306 -13.96 -19.85 2.35
N ASN A 307 -14.49 -18.82 1.68
CA ASN A 307 -13.84 -18.30 0.49
C ASN A 307 -12.49 -17.67 0.83
N VAL A 308 -12.43 -16.95 1.95
CA VAL A 308 -11.17 -16.37 2.40
C VAL A 308 -10.17 -17.48 2.73
N ILE A 309 -10.64 -18.55 3.34
CA ILE A 309 -9.77 -19.68 3.66
C ILE A 309 -9.25 -20.33 2.38
N ASP A 310 -10.09 -20.40 1.35
CA ASP A 310 -9.61 -20.84 0.04
C ASP A 310 -8.51 -19.92 -0.46
N MET A 311 -8.73 -18.61 -0.36
CA MET A 311 -7.74 -17.66 -0.84
C MET A 311 -6.45 -17.75 -0.05
N ALA A 312 -6.54 -18.05 1.26
CA ALA A 312 -5.33 -18.20 2.06
C ALA A 312 -4.57 -19.47 1.66
N ILE A 313 -5.30 -20.55 1.36
CA ILE A 313 -4.65 -21.77 0.89
C ILE A 313 -3.90 -21.51 -0.41
N PHE A 314 -4.57 -20.83 -1.35
CA PHE A 314 -3.92 -20.46 -2.61
C PHE A 314 -2.69 -19.60 -2.37
N ASP A 315 -2.81 -18.57 -1.54
CA ASP A 315 -1.69 -17.67 -1.29
C ASP A 315 -0.54 -18.38 -0.59
N PHE A 316 -0.86 -19.30 0.34
CA PHE A 316 0.20 -20.04 1.01
C PHE A 316 0.96 -20.93 0.03
N LEU A 317 0.26 -21.56 -0.91
CA LEU A 317 0.92 -22.43 -1.88
C LEU A 317 1.93 -21.65 -2.72
N ILE A 318 1.58 -20.43 -3.13
CA ILE A 318 2.48 -19.61 -3.93
C ILE A 318 3.34 -18.68 -3.09
N GLY A 319 3.16 -18.66 -1.78
CA GLY A 319 3.93 -17.80 -0.90
C GLY A 319 3.70 -16.32 -1.11
N ASN A 320 2.43 -15.92 -1.20
CA ASN A 320 2.06 -14.53 -1.47
C ASN A 320 1.69 -13.87 -0.15
N MET A 321 2.57 -13.03 0.36
CA MET A 321 2.35 -12.29 1.59
C MET A 321 1.72 -10.92 1.36
N ASP A 322 1.33 -10.61 0.12
CA ASP A 322 0.93 -9.26 -0.25
C ASP A 322 -0.52 -9.19 -0.70
N ARG A 323 -1.39 -10.07 -0.20
CA ARG A 323 -2.81 -9.98 -0.51
C ARG A 323 -3.49 -9.07 0.52
N HIS A 324 -3.21 -7.78 0.37
CA HIS A 324 -3.79 -6.78 1.26
C HIS A 324 -5.30 -6.68 1.08
N HIS A 325 -5.79 -6.89 -0.14
CA HIS A 325 -7.21 -6.77 -0.44
C HIS A 325 -7.62 -7.85 -1.43
N TYR A 326 -8.89 -8.22 -1.37
CA TYR A 326 -9.50 -9.08 -2.36
C TYR A 326 -10.69 -8.36 -2.99
N GLU A 327 -11.06 -8.78 -4.20
CA GLU A 327 -12.09 -8.12 -4.97
C GLU A 327 -13.26 -9.07 -5.21
N MET A 328 -14.45 -8.49 -5.34
CA MET A 328 -15.68 -9.23 -5.57
C MET A 328 -16.53 -8.49 -6.59
N PHE A 329 -17.40 -9.23 -7.28
CA PHE A 329 -18.37 -8.61 -8.17
C PHE A 329 -19.59 -8.16 -7.36
N THR A 330 -20.06 -6.94 -7.63
CA THR A 330 -21.20 -6.39 -6.91
C THR A 330 -22.46 -7.22 -7.13
N LYS A 331 -22.65 -7.74 -8.35
CA LYS A 331 -23.90 -8.42 -8.68
C LYS A 331 -24.13 -9.66 -7.83
N PHE A 332 -23.06 -10.36 -7.46
CA PHE A 332 -23.21 -11.61 -6.72
C PHE A 332 -23.34 -11.40 -5.22
N GLY A 333 -23.31 -10.14 -4.75
CA GLY A 333 -23.51 -9.83 -3.36
C GLY A 333 -22.52 -10.56 -2.47
N ASP A 334 -22.89 -10.66 -1.19
CA ASP A 334 -22.08 -11.43 -0.27
C ASP A 334 -22.16 -12.92 -0.65
N ASP A 335 -21.27 -13.71 -0.06
CA ASP A 335 -21.14 -15.14 -0.35
C ASP A 335 -20.64 -15.38 -1.77
N GLY A 336 -20.52 -14.32 -2.57
CA GLY A 336 -19.94 -14.46 -3.90
C GLY A 336 -18.49 -14.88 -3.84
N PHE A 337 -18.00 -15.41 -4.94
CA PHE A 337 -16.62 -15.86 -4.96
C PHE A 337 -15.67 -14.67 -5.03
N LEU A 338 -14.44 -14.90 -4.56
CA LEU A 338 -13.42 -13.85 -4.50
C LEU A 338 -12.53 -13.94 -5.73
N ILE A 339 -12.25 -12.79 -6.33
CA ILE A 339 -11.37 -12.70 -7.49
C ILE A 339 -9.94 -12.59 -7.00
N HIS A 340 -9.07 -13.49 -7.47
CA HIS A 340 -7.66 -13.51 -7.05
C HIS A 340 -6.84 -12.80 -8.12
N LEU A 341 -6.80 -11.48 -8.01
CA LEU A 341 -6.11 -10.64 -8.98
C LEU A 341 -4.67 -10.38 -8.57
N ASP A 342 -3.85 -10.02 -9.56
CA ASP A 342 -2.51 -9.49 -9.38
C ASP A 342 -1.68 -10.36 -8.42
N ASN A 343 -1.33 -11.55 -8.92
CA ASN A 343 -0.53 -12.50 -8.15
C ASN A 343 0.95 -12.38 -8.46
N ALA A 344 1.42 -11.18 -8.84
CA ALA A 344 2.81 -10.98 -9.24
C ALA A 344 3.78 -11.14 -8.08
N ARG A 345 3.32 -11.06 -6.84
CA ARG A 345 4.18 -11.19 -5.67
C ARG A 345 4.34 -12.64 -5.22
N GLY A 346 3.79 -13.58 -5.98
CA GLY A 346 3.94 -14.99 -5.66
C GLY A 346 5.18 -15.61 -6.27
N PHE A 347 5.47 -16.83 -5.82
CA PHE A 347 6.59 -17.63 -6.35
C PHE A 347 7.91 -16.87 -6.28
N GLY A 348 8.14 -16.21 -5.15
CA GLY A 348 9.35 -15.44 -4.97
C GLY A 348 10.39 -16.15 -4.11
N ARG A 349 9.93 -17.03 -3.23
CA ARG A 349 10.79 -17.73 -2.28
C ARG A 349 10.40 -19.20 -2.29
N HIS A 350 11.23 -20.03 -2.94
CA HIS A 350 10.97 -21.46 -3.00
C HIS A 350 11.44 -22.22 -1.77
N SER A 351 12.33 -21.62 -0.97
CA SER A 351 12.93 -22.29 0.18
C SER A 351 12.35 -21.80 1.51
N HIS A 352 11.29 -21.01 1.48
CA HIS A 352 10.67 -20.52 2.70
C HIS A 352 9.16 -20.66 2.61
N ASP A 353 8.55 -21.12 3.69
CA ASP A 353 7.11 -21.30 3.79
C ASP A 353 6.59 -20.40 4.90
N GLU A 354 5.76 -19.42 4.53
CA GLU A 354 5.22 -18.46 5.48
C GLU A 354 3.86 -18.95 5.96
N ILE A 355 3.87 -19.72 7.04
CA ILE A 355 2.64 -20.33 7.56
C ILE A 355 1.65 -19.31 8.08
N SER A 356 2.09 -18.08 8.35
CA SER A 356 1.16 -17.04 8.77
C SER A 356 0.14 -16.72 7.69
N ILE A 357 0.45 -17.02 6.42
CA ILE A 357 -0.53 -16.85 5.37
C ILE A 357 -1.72 -17.77 5.58
N LEU A 358 -1.45 -18.99 6.08
CA LEU A 358 -2.48 -19.99 6.36
C LEU A 358 -3.30 -19.68 7.60
N SER A 359 -3.07 -18.55 8.27
CA SER A 359 -3.76 -18.25 9.52
C SER A 359 -5.27 -18.42 9.47
N PRO A 360 -5.99 -18.00 8.42
CA PRO A 360 -7.45 -18.24 8.43
C PRO A 360 -7.82 -19.70 8.60
N LEU A 361 -7.05 -20.61 7.98
CA LEU A 361 -7.35 -22.04 8.10
C LEU A 361 -7.00 -22.55 9.49
N SER A 362 -5.81 -22.22 9.99
CA SER A 362 -5.36 -22.76 11.27
C SER A 362 -6.06 -22.13 12.46
N GLN A 363 -6.63 -20.93 12.31
CA GLN A 363 -7.36 -20.30 13.41
C GLN A 363 -8.83 -20.65 13.39
N CYS A 364 -9.47 -20.57 12.23
CA CYS A 364 -10.90 -20.84 12.14
C CYS A 364 -11.19 -22.33 12.13
N CYS A 365 -10.27 -23.14 11.61
CA CYS A 365 -10.38 -24.60 11.60
C CYS A 365 -11.66 -25.05 10.89
N MET A 366 -11.83 -24.57 9.66
CA MET A 366 -12.91 -25.04 8.80
C MET A 366 -12.47 -24.87 7.34
N ILE A 367 -12.96 -25.76 6.49
CA ILE A 367 -12.53 -25.80 5.10
C ILE A 367 -13.65 -26.40 4.26
N LYS A 368 -13.73 -25.97 3.01
CA LYS A 368 -14.70 -26.54 2.08
C LYS A 368 -14.39 -28.01 1.85
N LYS A 369 -15.45 -28.82 1.81
CA LYS A 369 -15.29 -30.23 1.45
C LYS A 369 -14.67 -30.37 0.07
N LYS A 370 -15.16 -29.58 -0.89
CA LYS A 370 -14.61 -29.63 -2.25
C LYS A 370 -13.12 -29.29 -2.25
N THR A 371 -12.75 -28.22 -1.55
CA THR A 371 -11.36 -27.79 -1.52
C THR A 371 -10.47 -28.88 -0.93
N LEU A 372 -10.89 -29.50 0.16
CA LEU A 372 -10.07 -30.52 0.82
C LEU A 372 -9.92 -31.76 -0.08
N LEU A 373 -10.99 -32.16 -0.77
CA LEU A 373 -10.88 -33.34 -1.63
C LEU A 373 -9.91 -33.11 -2.78
N HIS A 374 -9.92 -31.90 -3.35
CA HIS A 374 -8.98 -31.60 -4.42
C HIS A 374 -7.54 -31.60 -3.91
N LEU A 375 -7.32 -31.05 -2.71
CA LEU A 375 -5.98 -31.05 -2.13
C LEU A 375 -5.52 -32.47 -1.82
N GLN A 376 -6.41 -33.30 -1.26
CA GLN A 376 -6.06 -34.69 -0.95
C GLN A 376 -5.71 -35.47 -2.22
N LEU A 377 -6.41 -35.20 -3.32
CA LEU A 377 -6.10 -35.88 -4.57
C LEU A 377 -4.77 -35.42 -5.13
N LEU A 378 -4.49 -34.11 -5.05
CA LEU A 378 -3.25 -33.56 -5.58
C LEU A 378 -2.03 -33.92 -4.75
N ALA A 379 -2.21 -34.58 -3.61
CA ALA A 379 -1.09 -35.06 -2.80
C ALA A 379 -0.68 -36.48 -3.15
N GLN A 380 -1.47 -37.18 -3.96
CA GLN A 380 -1.16 -38.54 -4.36
C GLN A 380 -0.19 -38.54 -5.54
N ALA A 381 0.64 -39.59 -5.59
CA ALA A 381 1.69 -39.67 -6.60
C ALA A 381 1.12 -39.60 -8.02
N ASP A 382 -0.01 -40.27 -8.26
CA ASP A 382 -0.58 -40.30 -9.61
C ASP A 382 -1.10 -38.94 -10.07
N TYR A 383 -1.35 -38.01 -9.16
CA TYR A 383 -1.83 -36.69 -9.49
C TYR A 383 -1.01 -35.61 -8.80
N ARG A 384 0.30 -35.85 -8.67
CA ARG A 384 1.15 -34.99 -7.86
C ARG A 384 1.10 -33.54 -8.35
N LEU A 385 0.91 -32.61 -7.41
CA LEU A 385 0.69 -31.22 -7.78
C LEU A 385 1.86 -30.64 -8.56
N SER A 386 3.08 -30.98 -8.17
CA SER A 386 4.24 -30.48 -8.91
C SER A 386 4.31 -31.07 -10.32
N ASP A 387 3.86 -32.32 -10.47
CA ASP A 387 3.91 -32.96 -11.78
C ASP A 387 2.87 -32.37 -12.72
N VAL A 388 1.64 -32.19 -12.24
CA VAL A 388 0.61 -31.63 -13.11
C VAL A 388 0.87 -30.16 -13.39
N MET A 389 1.49 -29.43 -12.45
CA MET A 389 1.83 -28.03 -12.70
C MET A 389 2.94 -27.92 -13.73
N ARG A 390 4.02 -28.69 -13.56
CA ARG A 390 5.10 -28.69 -14.55
C ARG A 390 4.57 -29.07 -15.93
N GLU A 391 3.67 -30.04 -15.98
CA GLU A 391 3.08 -30.46 -17.25
C GLU A 391 2.21 -29.35 -17.84
N SER A 392 1.39 -28.70 -17.00
CA SER A 392 0.51 -27.64 -17.48
C SER A 392 1.30 -26.45 -18.01
N LEU A 393 2.41 -26.10 -17.35
CA LEU A 393 3.18 -24.93 -17.73
C LEU A 393 3.98 -25.11 -19.01
N LEU A 394 4.11 -26.35 -19.51
CA LEU A 394 4.82 -26.57 -20.76
C LEU A 394 4.07 -25.98 -21.96
N GLU A 395 2.78 -25.71 -21.81
CA GLU A 395 2.00 -25.13 -22.91
C GLU A 395 2.35 -23.67 -23.17
N ASP A 396 3.00 -23.00 -22.23
CA ASP A 396 3.22 -21.56 -22.32
C ASP A 396 4.47 -21.26 -23.14
N GLN A 397 4.44 -20.11 -23.83
CA GLN A 397 5.56 -19.74 -24.68
C GLN A 397 6.86 -19.56 -23.89
N LEU A 398 6.76 -19.13 -22.63
CA LEU A 398 7.91 -18.95 -21.76
C LEU A 398 8.15 -20.16 -20.86
N SER A 399 7.87 -21.36 -21.37
CA SER A 399 8.15 -22.59 -20.65
C SER A 399 9.63 -22.62 -20.23
N PRO A 400 9.94 -23.14 -19.03
CA PRO A 400 9.05 -23.80 -18.05
C PRO A 400 8.27 -22.89 -17.08
N VAL A 401 8.42 -21.57 -17.21
CA VAL A 401 7.75 -20.59 -16.35
C VAL A 401 8.23 -20.68 -14.91
N LEU A 402 8.11 -21.87 -14.31
CA LEU A 402 8.61 -22.12 -12.96
C LEU A 402 9.80 -23.07 -13.02
N THR A 403 10.87 -22.74 -12.30
CA THR A 403 11.97 -23.65 -12.12
C THR A 403 11.56 -24.79 -11.18
N GLU A 404 12.44 -25.78 -11.07
CA GLU A 404 12.14 -26.95 -10.24
C GLU A 404 11.96 -26.64 -8.76
N PRO A 405 12.76 -25.77 -8.12
CA PRO A 405 12.51 -25.50 -6.69
C PRO A 405 11.13 -24.96 -6.40
N HIS A 406 10.60 -24.11 -7.27
CA HIS A 406 9.25 -23.58 -7.05
C HIS A 406 8.20 -24.67 -7.23
N LEU A 407 8.37 -25.54 -8.23
CA LEU A 407 7.42 -26.63 -8.44
C LEU A 407 7.42 -27.58 -7.25
N LEU A 408 8.60 -27.97 -6.78
CA LEU A 408 8.69 -28.90 -5.66
C LEU A 408 8.18 -28.29 -4.37
N ALA A 409 8.30 -26.98 -4.21
CA ALA A 409 7.77 -26.32 -3.02
C ALA A 409 6.25 -26.45 -2.94
N LEU A 410 5.59 -26.60 -4.09
CA LEU A 410 4.14 -26.80 -4.09
C LEU A 410 3.77 -28.10 -3.40
N ASP A 411 4.57 -29.15 -3.58
CA ASP A 411 4.30 -30.41 -2.89
C ASP A 411 4.47 -30.25 -1.39
N ARG A 412 5.52 -29.54 -0.96
CA ARG A 412 5.80 -29.39 0.47
C ARG A 412 4.72 -28.56 1.16
N ARG A 413 4.27 -27.48 0.52
CA ARG A 413 3.25 -26.64 1.13
C ARG A 413 1.89 -27.31 1.13
N LEU A 414 1.60 -28.15 0.13
CA LEU A 414 0.36 -28.92 0.14
C LEU A 414 0.33 -29.87 1.34
N GLN A 415 1.45 -30.51 1.63
CA GLN A 415 1.52 -31.39 2.79
C GLN A 415 1.33 -30.62 4.09
N THR A 416 1.83 -29.39 4.16
CA THR A 416 1.63 -28.57 5.35
C THR A 416 0.16 -28.21 5.53
N ILE A 417 -0.53 -27.91 4.43
CA ILE A 417 -1.96 -27.61 4.50
C ILE A 417 -2.73 -28.82 5.03
N LEU A 418 -2.43 -30.01 4.50
CA LEU A 418 -3.13 -31.21 4.94
C LEU A 418 -2.81 -31.55 6.39
N ARG A 419 -1.56 -31.35 6.81
CA ARG A 419 -1.21 -31.59 8.21
C ARG A 419 -1.87 -30.58 9.14
N THR A 420 -2.14 -29.36 8.64
CA THR A 420 -2.89 -28.40 9.42
C THR A 420 -4.35 -28.84 9.58
N VAL A 421 -4.96 -29.34 8.50
CA VAL A 421 -6.33 -29.83 8.58
C VAL A 421 -6.43 -30.96 9.59
N GLU A 422 -5.45 -31.87 9.59
CA GLU A 422 -5.42 -32.93 10.60
C GLU A 422 -5.39 -32.36 12.00
N GLY A 423 -4.59 -31.32 12.23
CA GLY A 423 -4.57 -30.67 13.53
C GLY A 423 -5.93 -30.11 13.91
N CYS A 424 -6.63 -29.50 12.95
CA CYS A 424 -7.96 -28.98 13.22
C CYS A 424 -8.94 -30.11 13.54
N ILE A 425 -8.83 -31.24 12.83
CA ILE A 425 -9.76 -32.34 13.05
C ILE A 425 -9.54 -32.97 14.42
N VAL A 426 -8.28 -33.06 14.85
CA VAL A 426 -7.99 -33.61 16.17
C VAL A 426 -8.65 -32.77 17.26
N ALA A 427 -8.66 -31.45 17.07
CA ALA A 427 -9.19 -30.54 18.09
C ALA A 427 -10.71 -30.39 18.03
N HIS A 428 -11.33 -30.65 16.88
CA HIS A 428 -12.77 -30.40 16.75
C HIS A 428 -13.56 -31.49 16.05
N GLY A 429 -12.93 -32.47 15.43
CA GLY A 429 -13.65 -33.51 14.71
C GLY A 429 -13.97 -33.10 13.28
N GLN A 430 -14.19 -34.12 12.45
CA GLN A 430 -14.43 -33.86 11.02
C GLN A 430 -15.73 -33.09 10.80
N GLN A 431 -16.76 -33.37 11.61
CA GLN A 431 -18.05 -32.72 11.42
C GLN A 431 -17.94 -31.20 11.52
N SER A 432 -17.10 -30.72 12.44
CA SER A 432 -16.97 -29.28 12.63
C SER A 432 -16.06 -28.63 11.59
N VAL A 433 -15.03 -29.34 11.14
CA VAL A 433 -14.03 -28.73 10.25
C VAL A 433 -14.50 -28.74 8.80
N ILE A 434 -14.92 -29.91 8.30
CA ILE A 434 -15.20 -30.09 6.88
C ILE A 434 -16.65 -29.67 6.61
N VAL A 435 -16.83 -28.51 5.97
CA VAL A 435 -18.14 -27.96 5.68
C VAL A 435 -18.58 -28.41 4.29
N ASP A 436 -19.85 -28.74 4.16
CA ASP A 436 -20.46 -29.13 2.89
C ASP A 436 -21.14 -27.93 2.24
N GLY A 437 -21.38 -28.05 0.94
CA GLY A 437 -21.98 -26.97 0.18
C GLY A 437 -23.46 -27.14 -0.08
N SER B 1 6.97 20.37 41.03
CA SER B 1 7.18 21.32 39.92
C SER B 1 6.68 20.74 38.60
N SER B 2 7.46 20.94 37.54
CA SER B 2 7.07 20.53 36.20
C SER B 2 8.10 19.57 35.65
N LYS B 3 7.67 18.33 35.35
CA LYS B 3 8.59 17.34 34.82
C LYS B 3 9.02 17.66 33.40
N LEU B 4 8.12 18.24 32.60
CA LEU B 4 8.48 18.62 31.24
C LEU B 4 9.55 19.70 31.23
N GLN B 5 9.44 20.66 32.14
CA GLN B 5 10.46 21.70 32.24
C GLN B 5 11.79 21.11 32.72
N ALA B 6 11.74 20.20 33.69
CA ALA B 6 12.96 19.58 34.18
C ALA B 6 13.66 18.78 33.09
N LEU B 7 12.89 18.15 32.20
CA LEU B 7 13.46 17.35 31.13
C LEU B 7 14.33 18.20 30.21
N PHE B 8 13.77 19.30 29.70
CA PHE B 8 14.52 20.14 28.76
C PHE B 8 15.54 21.04 29.46
N ALA B 9 15.49 21.15 30.78
CA ALA B 9 16.55 21.79 31.54
C ALA B 9 17.64 20.81 31.94
N HIS B 10 17.42 19.51 31.78
CA HIS B 10 18.40 18.51 32.15
C HIS B 10 19.67 18.68 31.30
N PRO B 11 20.84 18.40 31.89
CA PRO B 11 22.09 18.50 31.11
C PRO B 11 22.07 17.72 29.81
N LEU B 12 21.41 16.55 29.78
CA LEU B 12 21.38 15.73 28.57
C LEU B 12 20.73 16.46 27.41
N TYR B 13 19.67 17.22 27.67
CA TYR B 13 18.96 17.97 26.64
C TYR B 13 19.59 19.32 26.35
N ASN B 14 20.85 19.52 26.76
CA ASN B 14 21.58 20.74 26.44
C ASN B 14 22.99 20.45 25.96
N VAL B 15 23.30 19.20 25.65
CA VAL B 15 24.60 18.85 25.05
C VAL B 15 24.59 19.30 23.60
N PRO B 16 25.58 20.07 23.15
CA PRO B 16 25.67 20.40 21.72
C PRO B 16 25.88 19.15 20.88
N GLU B 17 25.26 19.13 19.70
CA GLU B 17 25.28 17.96 18.84
C GLU B 17 26.45 18.03 17.88
N GLU B 18 27.12 16.88 17.70
CA GLU B 18 28.31 16.76 16.87
C GLU B 18 27.99 16.03 15.57
N PRO B 19 28.56 16.46 14.43
CA PRO B 19 29.44 17.63 14.31
C PRO B 19 28.67 18.94 14.20
N PRO B 20 29.27 20.05 14.66
CA PRO B 20 28.56 21.34 14.64
C PRO B 20 28.22 21.76 13.21
N LEU B 21 27.15 22.55 13.11
CA LEU B 21 26.63 22.98 11.81
C LEU B 21 27.58 23.97 11.15
N LEU B 22 27.90 23.72 9.87
CA LEU B 22 28.78 24.59 9.11
C LEU B 22 28.01 25.57 8.22
N GLY B 23 26.79 25.93 8.61
CA GLY B 23 26.05 26.95 7.90
C GLY B 23 25.42 26.52 6.60
N ALA B 24 26.09 26.81 5.49
CA ALA B 24 25.48 26.65 4.17
C ALA B 24 25.23 25.19 3.83
N GLU B 25 26.30 24.40 3.70
CA GLU B 25 26.18 23.02 3.23
C GLU B 25 25.38 22.13 4.17
N ASP B 26 25.10 22.59 5.39
CA ASP B 26 24.35 21.80 6.36
C ASP B 26 22.87 22.18 6.44
N SER B 27 22.48 23.29 5.84
CA SER B 27 21.08 23.68 5.80
C SER B 27 20.41 23.07 4.58
N LEU B 28 19.12 22.79 4.71
CA LEU B 28 18.38 22.19 3.60
C LEU B 28 18.24 23.18 2.44
N LEU B 29 17.69 24.35 2.71
CA LEU B 29 17.43 25.34 1.68
C LEU B 29 18.50 26.42 1.67
N ALA B 30 18.76 26.95 0.48
CA ALA B 30 19.53 28.18 0.33
C ALA B 30 18.56 29.35 0.46
N SER B 31 18.84 30.25 1.40
CA SER B 31 17.86 31.27 1.78
C SER B 31 17.43 32.11 0.59
N GLN B 32 18.40 32.64 -0.16
CA GLN B 32 18.05 33.56 -1.25
C GLN B 32 17.36 32.83 -2.39
N GLU B 33 17.77 31.60 -2.68
CA GLU B 33 17.11 30.83 -3.74
C GLU B 33 15.70 30.44 -3.34
N ALA B 34 15.50 30.07 -2.07
CA ALA B 34 14.18 29.65 -1.62
C ALA B 34 13.23 30.84 -1.47
N LEU B 35 13.75 32.01 -1.08
CA LEU B 35 12.87 33.15 -0.85
C LEU B 35 12.30 33.71 -2.15
N ARG B 36 13.11 33.77 -3.21
CA ARG B 36 12.59 34.25 -4.49
C ARG B 36 11.63 33.25 -5.10
N TYR B 37 11.79 31.96 -4.80
CA TYR B 37 10.81 30.97 -5.25
C TYR B 37 9.47 31.18 -4.55
N TYR B 38 9.50 31.46 -3.25
CA TYR B 38 8.26 31.74 -2.52
C TYR B 38 7.64 33.07 -2.96
N ARG B 39 8.47 34.05 -3.31
CA ARG B 39 7.93 35.33 -3.75
C ARG B 39 7.21 35.19 -5.09
N ARG B 40 7.73 34.33 -5.98
CA ARG B 40 7.03 34.06 -7.23
C ARG B 40 5.71 33.33 -6.97
N LYS B 41 5.68 32.44 -5.98
CA LYS B 41 4.44 31.75 -5.64
C LYS B 41 3.40 32.72 -5.09
N VAL B 42 3.82 33.69 -4.28
CA VAL B 42 2.88 34.66 -3.73
C VAL B 42 2.34 35.56 -4.84
N ALA B 43 3.19 35.97 -5.77
CA ALA B 43 2.71 36.74 -6.92
C ALA B 43 1.78 35.91 -7.78
N ARG B 44 2.10 34.62 -7.97
CA ARG B 44 1.21 33.72 -8.68
C ARG B 44 -0.14 33.63 -7.98
N TRP B 45 -0.12 33.45 -6.65
CA TRP B 45 -1.37 33.31 -5.91
C TRP B 45 -2.19 34.59 -5.96
N ASN B 46 -1.53 35.75 -5.91
CA ASN B 46 -2.25 37.02 -6.00
C ASN B 46 -2.87 37.21 -7.38
N ARG B 47 -2.19 36.75 -8.44
CA ARG B 47 -2.78 36.84 -9.77
C ARG B 47 -4.03 35.99 -9.89
N ARG B 48 -3.96 34.74 -9.42
CA ARG B 48 -5.14 33.88 -9.41
C ARG B 48 -6.24 34.48 -8.55
N HIS B 49 -5.89 35.08 -7.41
CA HIS B 49 -6.89 35.63 -6.53
C HIS B 49 -7.53 36.89 -7.12
N LYS B 50 -6.76 37.69 -7.85
CA LYS B 50 -7.33 38.87 -8.48
C LYS B 50 -8.24 38.49 -9.65
N MET B 51 -7.83 37.48 -10.43
CA MET B 51 -8.63 37.05 -11.57
C MET B 51 -9.87 36.29 -11.11
N TYR B 52 -9.76 35.48 -10.06
CA TYR B 52 -10.91 34.75 -9.54
C TYR B 52 -11.97 35.71 -9.03
N ARG B 53 -11.54 36.81 -8.42
CA ARG B 53 -12.47 37.82 -7.93
C ARG B 53 -13.19 38.53 -9.07
N GLU B 54 -12.52 38.67 -10.21
CA GLU B 54 -13.15 39.31 -11.37
C GLU B 54 -14.16 38.39 -12.05
N GLN B 55 -13.85 37.09 -12.12
CA GLN B 55 -14.78 36.14 -12.73
C GLN B 55 -16.08 36.01 -11.97
N MET B 56 -16.09 36.32 -10.67
CA MET B 56 -17.31 36.26 -9.89
C MET B 56 -17.97 37.63 -9.88
N ASN B 57 -17.85 38.36 -8.78
CA ASN B 57 -18.40 39.72 -8.71
C ASN B 57 -17.89 40.48 -7.49
N LEU B 58 -16.65 40.96 -7.56
CA LEU B 58 -16.12 41.86 -6.53
C LEU B 58 -14.81 42.50 -7.00
N ASP B 62 -9.53 44.03 -1.31
CA ASP B 62 -8.54 43.74 -0.28
C ASP B 62 -7.11 43.95 -0.81
N PRO B 63 -6.21 44.35 0.08
CA PRO B 63 -4.82 44.55 -0.34
C PRO B 63 -4.16 43.21 -0.64
N PRO B 64 -3.13 43.20 -1.49
CA PRO B 64 -2.50 41.93 -1.86
C PRO B 64 -1.69 41.35 -0.70
N LEU B 65 -1.30 40.10 -0.87
CA LEU B 65 -0.49 39.40 0.11
C LEU B 65 1.00 39.63 -0.15
N GLN B 66 1.77 39.72 0.93
CA GLN B 66 3.21 39.91 0.88
C GLN B 66 3.90 38.75 1.58
N LEU B 67 4.93 38.20 0.93
CA LEU B 67 5.73 37.16 1.56
C LEU B 67 6.62 37.80 2.62
N ARG B 68 6.31 37.54 3.89
CA ARG B 68 7.05 38.12 5.00
C ARG B 68 8.05 37.11 5.53
N LEU B 69 9.34 37.49 5.52
CA LEU B 69 10.41 36.60 5.91
C LEU B 69 10.26 36.10 7.34
N GLU B 70 9.64 36.90 8.21
CA GLU B 70 9.53 36.56 9.63
C GLU B 70 8.39 35.58 9.93
N ALA B 71 7.70 35.08 8.90
CA ALA B 71 6.62 34.13 9.14
C ALA B 71 7.15 32.84 9.74
N SER B 72 6.32 32.21 10.56
CA SER B 72 6.73 31.00 11.28
C SER B 72 7.17 29.91 10.32
N TRP B 73 6.35 29.61 9.30
CA TRP B 73 6.66 28.52 8.39
C TRP B 73 7.90 28.81 7.54
N VAL B 74 8.14 30.08 7.23
CA VAL B 74 9.34 30.44 6.46
C VAL B 74 10.59 30.13 7.27
N GLN B 75 10.61 30.57 8.54
CA GLN B 75 11.74 30.27 9.40
C GLN B 75 11.87 28.78 9.69
N PHE B 76 10.73 28.09 9.78
CA PHE B 76 10.74 26.63 9.93
C PHE B 76 11.49 25.98 8.77
N HIS B 77 11.13 26.34 7.53
CA HIS B 77 11.79 25.75 6.36
C HIS B 77 13.28 26.08 6.34
N LEU B 78 13.62 27.36 6.61
CA LEU B 78 15.03 27.75 6.61
C LEU B 78 15.80 27.16 7.78
N GLY B 79 15.11 26.68 8.82
CA GLY B 79 15.75 26.07 9.95
C GLY B 79 16.06 24.60 9.79
N ILE B 80 15.47 23.95 8.78
CA ILE B 80 15.74 22.54 8.53
C ILE B 80 17.21 22.39 8.16
N ASN B 81 17.91 21.53 8.89
CA ASN B 81 19.34 21.33 8.68
C ASN B 81 19.66 19.84 8.81
N ARG B 82 20.95 19.52 8.71
CA ARG B 82 21.42 18.15 8.74
C ARG B 82 21.10 17.42 10.05
N HIS B 83 20.70 18.15 11.10
CA HIS B 83 20.46 17.54 12.40
C HIS B 83 18.98 17.25 12.67
N GLY B 84 18.08 17.66 11.80
CA GLY B 84 16.68 17.35 11.99
C GLY B 84 15.79 18.42 11.37
N LEU B 85 14.48 18.19 11.50
CA LEU B 85 13.49 19.10 10.92
C LEU B 85 13.46 20.42 11.66
N TYR B 86 13.82 20.43 12.94
CA TYR B 86 13.75 21.64 13.75
C TYR B 86 14.78 21.55 14.86
N SER B 87 14.95 22.65 15.57
CA SER B 87 15.96 22.74 16.62
C SER B 87 15.36 22.40 17.99
N ARG B 88 16.26 22.03 18.90
CA ARG B 88 15.84 21.71 20.26
C ARG B 88 15.48 22.98 21.03
N SER B 89 14.38 22.91 21.78
CA SER B 89 13.85 24.07 22.51
C SER B 89 13.72 25.29 21.61
N SER B 90 13.10 25.08 20.45
CA SER B 90 13.04 26.09 19.41
C SER B 90 11.84 27.01 19.63
N PRO B 91 12.04 28.32 19.79
CA PRO B 91 10.89 29.23 19.83
C PRO B 91 10.20 29.38 18.47
N VAL B 92 10.89 29.07 17.37
CA VAL B 92 10.25 29.11 16.06
C VAL B 92 9.17 28.04 15.96
N VAL B 93 9.44 26.85 16.49
CA VAL B 93 8.43 25.80 16.46
C VAL B 93 7.23 26.18 17.32
N SER B 94 7.49 26.75 18.51
CA SER B 94 6.41 27.17 19.38
C SER B 94 5.50 28.17 18.68
N LYS B 95 6.09 29.14 17.98
CA LYS B 95 5.29 30.12 17.25
C LYS B 95 4.54 29.47 16.11
N LEU B 96 5.15 28.49 15.44
CA LEU B 96 4.48 27.81 14.34
C LEU B 96 3.28 27.02 14.82
N LEU B 97 3.41 26.33 15.96
CA LEU B 97 2.28 25.59 16.52
C LEU B 97 1.11 26.53 16.83
N GLN B 98 1.39 27.70 17.40
CA GLN B 98 0.34 28.66 17.70
C GLN B 98 -0.28 29.23 16.42
N ASP B 99 0.55 29.47 15.40
CA ASP B 99 0.05 30.07 14.17
C ASP B 99 -0.90 29.12 13.44
N MET B 100 -0.56 27.84 13.35
CA MET B 100 -1.46 26.88 12.74
C MET B 100 -2.74 26.73 13.53
N ARG B 101 -2.68 27.02 14.84
CA ARG B 101 -3.83 26.85 15.72
C ARG B 101 -4.80 28.02 15.64
N HIS B 102 -4.33 29.22 15.29
CA HIS B 102 -5.14 30.42 15.39
C HIS B 102 -5.29 31.20 14.09
N PHE B 103 -4.34 31.13 13.17
CA PHE B 103 -4.41 31.94 11.96
C PHE B 103 -5.62 31.55 11.13
N PRO B 104 -6.33 32.52 10.54
CA PRO B 104 -7.42 32.19 9.63
C PRO B 104 -6.89 31.62 8.32
N THR B 105 -7.77 30.93 7.62
CA THR B 105 -7.42 30.34 6.33
C THR B 105 -7.85 31.25 5.20
N ILE B 106 -7.13 31.17 4.09
CA ILE B 106 -7.44 31.95 2.90
C ILE B 106 -7.71 31.10 1.68
N SER B 107 -7.27 29.84 1.66
CA SER B 107 -7.53 28.94 0.54
C SER B 107 -7.58 27.52 1.06
N ALA B 108 -8.25 26.66 0.30
CA ALA B 108 -8.32 25.25 0.63
C ALA B 108 -8.49 24.46 -0.66
N ASP B 109 -7.90 23.28 -0.72
CA ASP B 109 -7.95 22.45 -1.91
C ASP B 109 -7.69 21.00 -1.51
N TYR B 110 -7.80 20.11 -2.48
CA TYR B 110 -7.40 18.73 -2.26
C TYR B 110 -5.89 18.60 -2.29
N SER B 111 -5.39 17.53 -1.67
CA SER B 111 -4.00 17.15 -1.84
C SER B 111 -3.79 16.65 -3.27
N GLN B 112 -2.56 16.84 -3.77
CA GLN B 112 -2.28 16.49 -5.16
C GLN B 112 -2.46 14.99 -5.41
N ASP B 113 -2.13 14.15 -4.42
CA ASP B 113 -2.25 12.71 -4.60
C ASP B 113 -3.71 12.27 -4.65
N GLU B 114 -4.66 13.10 -4.20
CA GLU B 114 -6.07 12.77 -4.28
C GLU B 114 -6.77 13.45 -5.46
N LYS B 115 -6.19 14.52 -6.01
CA LYS B 115 -6.71 15.08 -7.25
C LYS B 115 -6.63 14.09 -8.41
N ALA B 116 -5.71 13.13 -8.33
CA ALA B 116 -5.61 12.10 -9.35
C ALA B 116 -6.76 11.10 -9.27
N LEU B 117 -7.15 10.74 -8.04
CA LEU B 117 -8.20 9.75 -7.80
C LEU B 117 -9.60 10.34 -7.93
N LEU B 118 -9.75 11.40 -8.70
CA LEU B 118 -11.06 11.96 -9.04
C LEU B 118 -11.32 11.55 -10.48
N GLY B 119 -11.92 10.38 -10.66
CA GLY B 119 -11.98 9.75 -11.97
C GLY B 119 -13.37 9.58 -12.55
N ALA B 120 -13.71 8.45 -13.17
CA ALA B 120 -12.97 7.17 -13.20
C ALA B 120 -12.70 6.59 -11.81
N CYS B 121 -13.75 6.04 -11.21
CA CYS B 121 -13.72 5.52 -9.85
C CYS B 121 -13.33 4.05 -9.88
N ASP B 122 -12.21 3.72 -9.24
CA ASP B 122 -11.74 2.34 -9.12
C ASP B 122 -11.42 2.07 -7.66
N CYS B 123 -12.09 1.07 -7.08
CA CYS B 123 -11.97 0.79 -5.66
C CYS B 123 -10.62 0.20 -5.27
N THR B 124 -9.80 -0.21 -6.23
CA THR B 124 -8.47 -0.72 -5.90
C THR B 124 -7.60 0.38 -5.33
N GLN B 125 -7.60 1.55 -5.97
CA GLN B 125 -6.78 2.69 -5.55
C GLN B 125 -7.45 3.54 -4.48
N ILE B 126 -8.60 3.11 -3.96
CA ILE B 126 -9.35 3.84 -2.96
C ILE B 126 -9.29 3.15 -1.61
N VAL B 127 -9.31 1.82 -1.59
CA VAL B 127 -9.37 1.06 -0.35
C VAL B 127 -7.97 0.66 0.11
N LYS B 128 -6.94 1.35 -0.38
CA LYS B 128 -5.58 1.09 0.07
C LYS B 128 -5.43 1.46 1.55
N PRO B 129 -4.56 0.77 2.28
CA PRO B 129 -4.33 1.12 3.69
C PRO B 129 -3.52 2.40 3.82
N SER B 130 -3.47 2.91 5.06
CA SER B 130 -2.69 4.10 5.43
C SER B 130 -3.15 5.35 4.69
N GLY B 131 -4.12 5.21 3.79
CA GLY B 131 -4.62 6.36 3.03
C GLY B 131 -5.77 7.00 3.76
N VAL B 132 -5.67 8.31 3.96
CA VAL B 132 -6.71 9.09 4.62
C VAL B 132 -7.41 9.92 3.56
N HIS B 133 -8.56 9.43 3.08
CA HIS B 133 -9.32 10.25 2.16
C HIS B 133 -10.10 11.29 2.95
N LEU B 134 -10.57 12.32 2.26
CA LEU B 134 -11.29 13.48 2.79
C LEU B 134 -10.34 14.46 3.47
N LYS B 135 -9.03 14.20 3.48
CA LYS B 135 -8.09 15.16 4.01
C LYS B 135 -7.91 16.32 3.04
N LEU B 136 -7.56 17.48 3.58
CA LEU B 136 -7.42 18.68 2.77
C LEU B 136 -6.14 19.42 3.16
N VAL B 137 -5.65 20.22 2.22
CA VAL B 137 -4.51 21.10 2.45
C VAL B 137 -5.05 22.52 2.62
N LEU B 138 -4.77 23.13 3.76
CA LEU B 138 -5.22 24.48 4.07
C LEU B 138 -4.07 25.47 3.97
N ARG B 139 -4.38 26.69 3.52
CA ARG B 139 -3.42 27.77 3.44
C ARG B 139 -3.84 28.87 4.39
N PHE B 140 -2.89 29.34 5.21
CA PHE B 140 -3.17 30.33 6.23
C PHE B 140 -2.86 31.74 5.71
N SER B 141 -3.22 32.73 6.53
CA SER B 141 -3.06 34.12 6.15
C SER B 141 -1.60 34.53 5.98
N ASP B 142 -0.66 33.79 6.59
CA ASP B 142 0.76 34.03 6.39
C ASP B 142 1.34 33.22 5.23
N PHE B 143 0.48 32.68 4.36
CA PHE B 143 0.80 31.88 3.18
C PHE B 143 1.29 30.47 3.52
N GLY B 144 1.33 30.09 4.80
CA GLY B 144 1.75 28.75 5.15
C GLY B 144 0.69 27.72 4.86
N LYS B 145 1.12 26.48 4.66
CA LYS B 145 0.22 25.39 4.30
C LYS B 145 0.33 24.26 5.33
N ALA B 146 -0.80 23.61 5.59
CA ALA B 146 -0.85 22.48 6.51
C ALA B 146 -1.75 21.40 5.94
N MET B 147 -1.46 20.15 6.29
CA MET B 147 -2.28 19.01 5.91
C MET B 147 -3.32 18.78 6.99
N PHE B 148 -4.58 19.03 6.66
CA PHE B 148 -5.68 18.85 7.61
C PHE B 148 -6.26 17.45 7.47
N LYS B 149 -6.14 16.65 8.52
CA LYS B 149 -6.76 15.33 8.56
C LYS B 149 -7.94 15.38 9.53
N PRO B 150 -9.18 15.33 9.05
CA PRO B 150 -10.33 15.40 9.96
C PRO B 150 -10.48 14.12 10.76
N MET B 151 -11.14 14.28 11.92
CA MET B 151 -11.42 13.14 12.77
C MET B 151 -12.30 12.11 12.06
N ARG B 152 -12.00 10.83 12.28
CA ARG B 152 -12.85 9.75 11.80
C ARG B 152 -14.14 9.73 12.61
N GLN B 153 -15.27 9.92 11.95
CA GLN B 153 -16.57 10.02 12.61
C GLN B 153 -17.47 8.83 12.35
N GLN B 154 -17.46 8.29 11.13
CA GLN B 154 -18.41 7.25 10.76
C GLN B 154 -18.05 5.91 11.40
N ARG B 155 -19.03 5.30 12.07
CA ARG B 155 -18.86 3.95 12.58
C ARG B 155 -18.83 2.96 11.41
N ASP B 156 -18.36 1.74 11.70
CA ASP B 156 -18.17 0.77 10.63
C ASP B 156 -19.48 0.27 10.02
N GLU B 157 -20.63 0.51 10.66
CA GLU B 157 -21.90 0.18 10.01
C GLU B 157 -22.13 1.05 8.79
N GLU B 158 -21.66 2.30 8.81
CA GLU B 158 -21.77 3.20 7.67
C GLU B 158 -20.70 2.93 6.61
N THR B 159 -19.72 2.08 6.91
CA THR B 159 -18.64 1.75 5.98
C THR B 159 -18.55 0.23 5.93
N PRO B 160 -19.46 -0.42 5.20
CA PRO B 160 -19.55 -1.89 5.26
C PRO B 160 -18.29 -2.59 4.80
N VAL B 161 -17.49 -1.97 3.92
CA VAL B 161 -16.30 -2.65 3.41
C VAL B 161 -15.13 -2.57 4.39
N ASP B 162 -15.11 -1.57 5.26
CA ASP B 162 -13.99 -1.39 6.18
C ASP B 162 -14.01 -2.45 7.27
N PHE B 163 -12.84 -3.00 7.57
CA PHE B 163 -12.68 -3.97 8.65
C PHE B 163 -12.45 -3.22 9.96
N PHE B 164 -13.22 -3.59 10.99
CA PHE B 164 -13.29 -2.81 12.22
C PHE B 164 -11.92 -2.52 12.80
N TYR B 165 -11.10 -3.56 12.98
CA TYR B 165 -9.81 -3.41 13.66
C TYR B 165 -8.74 -2.76 12.78
N PHE B 166 -9.09 -2.27 11.59
CA PHE B 166 -8.17 -1.53 10.75
C PHE B 166 -8.56 -0.06 10.62
N ILE B 167 -9.66 0.36 11.23
CA ILE B 167 -10.17 1.72 11.06
C ILE B 167 -9.33 2.66 11.91
N ASP B 168 -8.96 3.80 11.32
CA ASP B 168 -8.11 4.80 11.97
C ASP B 168 -8.98 5.73 12.84
N PHE B 169 -9.50 5.14 13.93
CA PHE B 169 -10.34 5.92 14.84
C PHE B 169 -9.52 7.00 15.54
N GLN B 170 -8.29 6.67 15.94
CA GLN B 170 -7.39 7.59 16.62
C GLN B 170 -6.58 8.45 15.66
N ARG B 171 -7.06 8.60 14.43
CA ARG B 171 -6.22 9.13 13.35
C ARG B 171 -5.68 10.52 13.67
N HIS B 172 -6.55 11.46 14.05
CA HIS B 172 -6.10 12.82 14.27
C HIS B 172 -5.31 12.95 15.56
N ASN B 173 -5.71 12.22 16.60
CA ASN B 173 -4.94 12.21 17.85
C ASN B 173 -3.55 11.63 17.64
N ALA B 174 -3.42 10.70 16.70
CA ALA B 174 -2.13 10.04 16.49
C ALA B 174 -1.11 10.99 15.87
N GLU B 175 -1.55 11.83 14.93
CA GLU B 175 -0.64 12.80 14.31
C GLU B 175 -0.12 13.79 15.34
N ILE B 176 -1.00 14.27 16.23
CA ILE B 176 -0.59 15.23 17.25
C ILE B 176 0.39 14.58 18.23
N ALA B 177 -0.01 13.44 18.81
CA ALA B 177 0.81 12.82 19.85
C ALA B 177 2.14 12.32 19.31
N ALA B 178 2.20 11.94 18.03
CA ALA B 178 3.46 11.48 17.46
C ALA B 178 4.48 12.60 17.38
N PHE B 179 4.02 13.84 17.13
CA PHE B 179 4.94 14.97 17.13
C PHE B 179 5.44 15.28 18.53
N HIS B 180 4.55 15.26 19.52
CA HIS B 180 4.97 15.57 20.89
C HIS B 180 5.96 14.54 21.41
N LEU B 181 5.76 13.27 21.06
CA LEU B 181 6.73 12.24 21.44
C LEU B 181 8.04 12.44 20.69
N ASP B 182 7.97 12.86 19.42
CA ASP B 182 9.17 13.15 18.65
C ASP B 182 9.99 14.25 19.30
N ARG B 183 9.33 15.28 19.81
CA ARG B 183 10.04 16.37 20.46
C ARG B 183 10.62 15.94 21.80
N ILE B 184 9.85 15.13 22.56
CA ILE B 184 10.32 14.68 23.87
C ILE B 184 11.49 13.71 23.72
N LEU B 185 11.43 12.81 22.75
CA LEU B 185 12.54 11.92 22.48
C LEU B 185 13.74 12.65 21.91
N ASP B 186 13.55 13.90 21.46
CA ASP B 186 14.60 14.70 20.82
C ASP B 186 15.08 14.07 19.51
N PHE B 187 14.20 13.33 18.84
CA PHE B 187 14.50 12.89 17.47
C PHE B 187 14.35 14.04 16.48
N ARG B 188 13.31 14.85 16.66
CA ARG B 188 13.03 16.03 15.83
C ARG B 188 12.93 15.65 14.36
N ARG B 189 12.11 14.63 14.07
CA ARG B 189 12.03 14.09 12.72
C ARG B 189 10.61 14.07 12.14
N VAL B 190 9.60 14.51 12.88
CA VAL B 190 8.27 14.60 12.31
C VAL B 190 7.86 16.07 12.26
N PRO B 191 7.06 16.48 11.28
CA PRO B 191 6.71 17.90 11.17
C PRO B 191 5.85 18.34 12.33
N PRO B 192 5.94 19.61 12.74
CA PRO B 192 5.07 20.10 13.81
C PRO B 192 3.59 19.91 13.48
N THR B 193 2.83 19.51 14.48
CA THR B 193 1.43 19.14 14.30
C THR B 193 0.62 19.61 15.48
N VAL B 194 -0.53 20.23 15.20
CA VAL B 194 -1.45 20.70 16.23
C VAL B 194 -2.86 20.21 15.90
N GLY B 195 -3.69 20.19 16.94
CA GLY B 195 -5.11 20.00 16.75
C GLY B 195 -5.82 21.33 16.56
N ARG B 196 -6.96 21.29 15.90
CA ARG B 196 -7.73 22.51 15.66
C ARG B 196 -9.19 22.14 15.43
N ILE B 197 -10.09 22.91 16.05
CA ILE B 197 -11.52 22.81 15.80
C ILE B 197 -11.85 23.79 14.69
N VAL B 198 -12.23 23.27 13.52
CA VAL B 198 -12.30 24.05 12.28
C VAL B 198 -13.76 24.25 11.91
N ASN B 199 -14.12 25.50 11.59
CA ASN B 199 -15.41 25.82 11.01
C ASN B 199 -15.34 25.45 9.54
N VAL B 200 -15.93 24.29 9.18
CA VAL B 200 -15.82 23.80 7.81
C VAL B 200 -16.50 24.73 6.82
N THR B 201 -17.49 25.51 7.27
CA THR B 201 -18.14 26.44 6.36
C THR B 201 -17.26 27.65 6.08
N LYS B 202 -16.80 28.33 7.12
CA LYS B 202 -16.05 29.58 6.93
C LYS B 202 -14.64 29.31 6.44
N GLU B 203 -13.97 28.30 6.98
CA GLU B 203 -12.54 28.12 6.77
C GLU B 203 -12.21 27.06 5.72
N ILE B 204 -13.21 26.47 5.08
CA ILE B 204 -12.95 25.49 4.03
C ILE B 204 -13.83 25.79 2.82
N LEU B 205 -15.15 25.73 3.01
CA LEU B 205 -16.07 25.90 1.90
C LEU B 205 -16.00 27.30 1.30
N GLU B 206 -15.93 28.33 2.15
CA GLU B 206 -16.00 29.72 1.69
C GLU B 206 -14.65 30.26 1.22
N VAL B 207 -13.57 29.48 1.34
CA VAL B 207 -12.25 29.94 0.92
C VAL B 207 -11.69 29.14 -0.25
N THR B 208 -12.29 28.00 -0.61
CA THR B 208 -11.75 27.17 -1.67
C THR B 208 -12.16 27.71 -3.04
N LYS B 209 -11.23 27.61 -4.00
CA LYS B 209 -11.50 27.94 -5.40
C LYS B 209 -11.75 26.70 -6.25
N ASN B 210 -11.74 25.52 -5.65
CA ASN B 210 -11.92 24.26 -6.38
C ASN B 210 -13.41 23.96 -6.46
N GLU B 211 -13.96 23.97 -7.68
CA GLU B 211 -15.38 23.78 -7.85
C GLU B 211 -15.84 22.39 -7.41
N ILE B 212 -14.99 21.38 -7.56
CA ILE B 212 -15.36 20.03 -7.13
C ILE B 212 -15.52 19.98 -5.62
N LEU B 213 -14.57 20.56 -4.89
CA LEU B 213 -14.68 20.62 -3.43
C LEU B 213 -15.90 21.43 -3.00
N GLN B 214 -16.26 22.47 -3.76
CA GLN B 214 -17.46 23.23 -3.46
C GLN B 214 -18.71 22.38 -3.62
N SER B 215 -18.75 21.54 -4.65
CA SER B 215 -19.96 20.79 -4.99
C SER B 215 -20.24 19.63 -4.03
N VAL B 216 -19.23 19.14 -3.30
CA VAL B 216 -19.43 18.01 -2.41
C VAL B 216 -19.89 18.41 -1.02
N PHE B 217 -20.04 19.70 -0.75
CA PHE B 217 -20.62 20.15 0.51
C PHE B 217 -22.13 20.07 0.45
N PHE B 218 -22.74 19.64 1.55
CA PHE B 218 -24.18 19.49 1.64
C PHE B 218 -24.60 19.59 3.10
N VAL B 219 -25.90 19.75 3.31
CA VAL B 219 -26.48 19.85 4.65
C VAL B 219 -27.06 18.50 5.03
N SER B 220 -26.64 17.99 6.19
CA SER B 220 -27.12 16.71 6.68
C SER B 220 -28.60 16.79 7.04
N PRO B 221 -29.33 15.67 6.98
CA PRO B 221 -30.72 15.67 7.47
C PRO B 221 -30.85 16.11 8.93
N ALA B 222 -29.79 15.96 9.73
CA ALA B 222 -29.77 16.49 11.09
C ALA B 222 -29.29 17.95 11.13
N SER B 223 -29.33 18.64 9.99
CA SER B 223 -28.98 20.06 9.90
C SER B 223 -27.50 20.30 10.20
N ASN B 224 -26.64 19.34 9.87
CA ASN B 224 -25.20 19.51 10.00
C ASN B 224 -24.59 19.77 8.63
N VAL B 225 -23.51 20.53 8.61
CA VAL B 225 -22.79 20.82 7.38
C VAL B 225 -21.75 19.73 7.15
N CYS B 226 -21.79 19.12 5.97
CA CYS B 226 -20.94 17.99 5.66
C CYS B 226 -20.37 18.16 4.26
N PHE B 227 -19.23 17.51 4.03
CA PHE B 227 -18.72 17.30 2.68
C PHE B 227 -18.30 15.84 2.56
N PHE B 228 -18.38 15.33 1.34
CA PHE B 228 -18.18 13.90 1.10
C PHE B 228 -17.27 13.68 -0.08
N ALA B 229 -16.80 12.44 -0.20
CA ALA B 229 -16.00 11.99 -1.33
C ALA B 229 -16.81 10.96 -2.11
N LYS B 230 -17.04 11.22 -3.40
CA LYS B 230 -18.00 10.42 -4.15
C LYS B 230 -17.48 9.00 -4.39
N CYS B 231 -16.23 8.88 -4.82
CA CYS B 231 -15.66 7.58 -5.17
C CYS B 231 -15.55 6.67 -3.94
N PRO B 232 -15.08 7.16 -2.79
CA PRO B 232 -15.15 6.32 -1.58
C PRO B 232 -16.56 5.92 -1.20
N TYR B 233 -17.56 6.76 -1.48
CA TYR B 233 -18.94 6.41 -1.14
C TYR B 233 -19.41 5.22 -1.97
N MET B 234 -19.08 5.19 -3.26
CA MET B 234 -19.46 4.06 -4.11
C MET B 234 -18.72 2.79 -3.72
N CYS B 235 -17.50 2.90 -3.21
CA CYS B 235 -16.74 1.75 -2.76
C CYS B 235 -17.11 1.33 -1.34
N LYS B 236 -18.08 2.00 -0.72
CA LYS B 236 -18.62 1.61 0.58
C LYS B 236 -17.56 1.65 1.67
N THR B 237 -16.71 2.66 1.62
CA THR B 237 -15.73 2.95 2.67
C THR B 237 -16.05 4.32 3.27
N GLU B 238 -15.14 4.83 4.11
CA GLU B 238 -15.35 6.12 4.73
C GLU B 238 -15.44 7.21 3.66
N TYR B 239 -16.52 8.00 3.73
CA TYR B 239 -16.76 8.97 2.67
C TYR B 239 -17.24 10.33 3.12
N ALA B 240 -17.54 10.57 4.40
CA ALA B 240 -18.07 11.86 4.80
C ALA B 240 -17.63 12.22 6.22
N VAL B 241 -17.42 13.51 6.44
CA VAL B 241 -17.25 14.07 7.77
C VAL B 241 -18.16 15.29 7.88
N CYS B 242 -18.59 15.60 9.11
CA CYS B 242 -19.56 16.64 9.34
C CYS B 242 -19.16 17.49 10.54
N GLY B 243 -19.45 18.79 10.45
CA GLY B 243 -19.45 19.63 11.64
C GLY B 243 -20.67 19.36 12.48
N LYS B 244 -20.68 19.94 13.69
CA LYS B 244 -21.79 19.78 14.62
C LYS B 244 -22.19 21.15 15.17
N PRO B 245 -22.89 21.97 14.36
CA PRO B 245 -23.23 21.69 12.96
C PRO B 245 -22.17 22.22 11.98
N HIS B 246 -21.26 23.06 12.47
CA HIS B 246 -20.21 23.64 11.67
C HIS B 246 -18.80 23.24 12.10
N LEU B 247 -18.57 23.02 13.38
CA LEU B 247 -17.23 22.81 13.91
C LEU B 247 -16.83 21.35 13.78
N LEU B 248 -15.61 21.11 13.30
CA LEU B 248 -15.09 19.77 13.07
C LEU B 248 -13.66 19.71 13.57
N GLU B 249 -13.37 18.72 14.41
CA GLU B 249 -12.06 18.56 15.01
C GLU B 249 -11.15 17.72 14.12
N GLY B 250 -9.87 18.10 14.05
CA GLY B 250 -8.92 17.39 13.23
C GLY B 250 -7.50 17.78 13.58
N SER B 251 -6.56 17.23 12.82
CA SER B 251 -5.13 17.46 13.01
C SER B 251 -4.56 18.27 11.84
N LEU B 252 -3.62 19.16 12.15
CA LEU B 252 -2.96 20.01 11.17
C LEU B 252 -1.45 19.78 11.26
N SER B 253 -0.84 19.39 10.15
CA SER B 253 0.58 19.11 10.08
C SER B 253 1.26 20.08 9.12
N ALA B 254 2.33 20.73 9.59
CA ALA B 254 2.99 21.76 8.81
C ALA B 254 3.66 21.18 7.57
N PHE B 255 3.47 21.85 6.44
CA PHE B 255 4.03 21.39 5.18
C PHE B 255 5.55 21.49 5.16
N LEU B 256 6.20 20.46 4.64
CA LEU B 256 7.63 20.49 4.37
C LEU B 256 7.89 21.39 3.17
N PRO B 257 9.16 21.74 2.91
CA PRO B 257 9.44 22.58 1.73
C PRO B 257 9.04 21.87 0.45
N SER B 258 8.73 22.66 -0.57
CA SER B 258 8.34 22.14 -1.87
C SER B 258 9.38 21.16 -2.40
N LEU B 259 8.90 20.12 -3.10
CA LEU B 259 9.80 19.16 -3.72
C LEU B 259 10.68 19.81 -4.79
N ASN B 260 10.24 20.95 -5.35
CA ASN B 260 11.10 21.69 -6.27
C ASN B 260 12.32 22.26 -5.54
N LEU B 261 12.14 22.69 -4.30
CA LEU B 261 13.26 23.22 -3.51
C LEU B 261 14.03 22.13 -2.77
N ALA B 262 13.34 21.08 -2.33
CA ALA B 262 13.97 20.00 -1.56
C ALA B 262 13.34 18.67 -1.95
N PRO B 263 13.92 17.98 -2.92
CA PRO B 263 13.36 16.69 -3.33
C PRO B 263 13.53 15.63 -2.26
N ARG B 264 12.61 14.68 -2.23
CA ARG B 264 12.63 13.61 -1.25
C ARG B 264 12.57 12.26 -1.95
N LEU B 265 13.19 11.26 -1.33
CA LEU B 265 13.12 9.88 -1.77
C LEU B 265 12.34 9.06 -0.75
N SER B 266 11.59 8.08 -1.25
CA SER B 266 10.94 7.09 -0.41
C SER B 266 11.69 5.78 -0.51
N VAL B 267 11.98 5.17 0.64
CA VAL B 267 12.76 3.94 0.73
C VAL B 267 11.94 2.90 1.47
N PRO B 268 11.83 1.68 0.96
CA PRO B 268 11.07 0.65 1.69
C PRO B 268 11.76 0.25 2.99
N ASN B 269 10.94 0.00 4.00
CA ASN B 269 11.39 -0.46 5.31
C ASN B 269 11.64 -1.97 5.27
N PRO B 270 12.90 -2.40 5.39
CA PRO B 270 13.20 -3.84 5.32
C PRO B 270 12.56 -4.67 6.41
N TRP B 271 12.06 -4.05 7.49
CA TRP B 271 11.42 -4.77 8.59
C TRP B 271 9.92 -4.53 8.66
N ILE B 272 9.29 -4.12 7.55
CA ILE B 272 7.85 -3.91 7.55
C ILE B 272 7.11 -5.21 7.83
N ARG B 273 7.68 -6.34 7.45
CA ARG B 273 7.05 -7.64 7.63
C ARG B 273 7.93 -8.53 8.49
N SER B 274 7.29 -9.41 9.25
CA SER B 274 7.98 -10.46 9.98
C SER B 274 7.79 -11.78 9.25
N TYR B 275 8.67 -12.73 9.55
CA TYR B 275 8.67 -14.02 8.87
C TYR B 275 8.76 -15.15 9.88
N THR B 276 8.08 -16.25 9.59
CA THR B 276 8.14 -17.44 10.43
C THR B 276 9.34 -18.25 9.98
N LEU B 277 10.43 -18.16 10.73
CA LEU B 277 11.64 -18.90 10.39
C LEU B 277 11.44 -20.38 10.69
N ALA B 278 12.21 -21.21 9.98
CA ALA B 278 12.17 -22.65 10.22
C ALA B 278 12.57 -22.93 11.67
N GLY B 279 11.67 -23.58 12.40
CA GLY B 279 11.79 -23.79 13.83
C GLY B 279 13.15 -24.20 14.35
N LYS B 280 13.48 -23.78 15.57
CA LYS B 280 12.55 -23.00 16.39
C LYS B 280 13.17 -21.70 16.89
N GLU B 281 13.85 -20.97 16.01
CA GLU B 281 14.44 -19.69 16.36
C GLU B 281 13.46 -18.57 16.08
N GLU B 282 13.28 -17.68 17.05
CA GLU B 282 12.30 -16.60 16.94
C GLU B 282 12.82 -15.51 16.01
N TRP B 283 11.88 -14.87 15.33
CA TRP B 283 12.23 -13.89 14.30
C TRP B 283 12.92 -12.67 14.91
N GLU B 284 12.36 -12.14 16.00
CA GLU B 284 12.90 -10.93 16.61
C GLU B 284 14.29 -11.14 17.22
N VAL B 285 14.64 -12.38 17.57
CA VAL B 285 15.91 -12.67 18.22
C VAL B 285 17.00 -13.11 17.25
N ASN B 286 16.64 -13.63 16.07
CA ASN B 286 17.63 -14.14 15.14
C ASN B 286 18.33 -13.00 14.40
N PRO B 287 19.66 -12.93 14.44
CA PRO B 287 20.38 -11.84 13.79
C PRO B 287 20.72 -12.05 12.31
N LEU B 288 20.46 -13.24 11.76
CA LEU B 288 20.91 -13.54 10.40
C LEU B 288 20.32 -12.57 9.38
N TYR B 289 19.06 -12.17 9.56
CA TYR B 289 18.44 -11.23 8.63
C TYR B 289 19.18 -9.91 8.64
N CYS B 290 19.42 -9.34 9.82
CA CYS B 290 20.16 -8.09 9.89
C CYS B 290 21.62 -8.29 9.49
N ASP B 291 22.18 -9.47 9.77
CA ASP B 291 23.52 -9.78 9.28
C ASP B 291 23.61 -9.67 7.76
N THR B 292 22.51 -10.01 7.07
CA THR B 292 22.47 -9.85 5.62
C THR B 292 22.19 -8.41 5.23
N VAL B 293 21.24 -7.76 5.92
CA VAL B 293 20.93 -6.36 5.63
C VAL B 293 22.16 -5.49 5.83
N LYS B 294 22.97 -5.80 6.84
CA LYS B 294 24.21 -5.06 7.08
C LYS B 294 25.13 -5.10 5.87
N GLN B 295 25.02 -6.12 5.03
CA GLN B 295 25.84 -6.24 3.83
C GLN B 295 25.15 -5.73 2.58
N ILE B 296 24.01 -5.06 2.72
CA ILE B 296 23.23 -4.58 1.58
C ILE B 296 23.19 -3.06 1.63
N TYR B 297 23.68 -2.42 0.57
CA TYR B 297 23.61 -0.98 0.46
C TYR B 297 22.15 -0.52 0.53
N PRO B 298 21.86 0.60 1.20
CA PRO B 298 22.80 1.49 1.88
C PRO B 298 22.96 1.21 3.37
N TYR B 299 22.56 0.02 3.82
CA TYR B 299 22.65 -0.33 5.22
C TYR B 299 24.03 -0.84 5.62
N ASN B 300 25.02 -0.72 4.73
CA ASN B 300 26.38 -1.10 5.08
C ASN B 300 27.06 -0.04 5.95
N ASN B 301 26.66 1.22 5.82
CA ASN B 301 27.22 2.27 6.67
C ASN B 301 26.45 2.36 7.98
N SER B 302 27.14 2.84 9.02
CA SER B 302 26.61 2.75 10.38
C SER B 302 25.39 3.64 10.57
N GLN B 303 25.42 4.86 10.04
CA GLN B 303 24.39 5.84 10.37
C GLN B 303 23.01 5.40 9.88
N ARG B 304 22.94 4.82 8.68
CA ARG B 304 21.64 4.47 8.11
C ARG B 304 20.93 3.40 8.93
N LEU B 305 21.66 2.35 9.33
CA LEU B 305 21.05 1.31 10.13
C LEU B 305 20.65 1.83 11.50
N LEU B 306 21.47 2.69 12.10
CA LEU B 306 21.14 3.27 13.39
C LEU B 306 19.90 4.16 13.29
N ASN B 307 19.74 4.87 12.17
CA ASN B 307 18.57 5.71 11.99
C ASN B 307 17.30 4.86 11.88
N VAL B 308 17.38 3.73 11.18
CA VAL B 308 16.23 2.83 11.08
C VAL B 308 15.88 2.26 12.45
N ILE B 309 16.90 1.96 13.26
CA ILE B 309 16.64 1.46 14.61
C ILE B 309 15.96 2.52 15.45
N ASP B 310 16.35 3.78 15.26
CA ASP B 310 15.62 4.88 15.90
C ASP B 310 14.16 4.90 15.47
N MET B 311 13.92 4.76 14.17
CA MET B 311 12.56 4.77 13.64
C MET B 311 11.75 3.59 14.17
N ALA B 312 12.39 2.43 14.36
CA ALA B 312 11.68 1.28 14.90
C ALA B 312 11.32 1.49 16.36
N ILE B 313 12.21 2.13 17.13
CA ILE B 313 11.90 2.46 18.51
C ILE B 313 10.71 3.40 18.59
N PHE B 314 10.72 4.45 17.76
CA PHE B 314 9.60 5.38 17.70
C PHE B 314 8.31 4.67 17.31
N ASP B 315 8.36 3.83 16.28
CA ASP B 315 7.15 3.13 15.83
C ASP B 315 6.64 2.16 16.88
N PHE B 316 7.55 1.50 17.60
CA PHE B 316 7.13 0.57 18.65
C PHE B 316 6.43 1.33 19.79
N LEU B 317 6.95 2.49 20.16
CA LEU B 317 6.36 3.26 21.24
C LEU B 317 4.93 3.66 20.93
N ILE B 318 4.65 4.05 19.68
CA ILE B 318 3.30 4.44 19.29
C ILE B 318 2.51 3.29 18.71
N GLY B 319 3.11 2.10 18.59
CA GLY B 319 2.42 0.94 18.06
C GLY B 319 2.00 1.08 16.60
N ASN B 320 2.91 1.55 15.76
CA ASN B 320 2.64 1.78 14.34
C ASN B 320 3.22 0.62 13.53
N MET B 321 2.33 -0.25 13.04
CA MET B 321 2.73 -1.39 12.22
C MET B 321 2.70 -1.06 10.73
N ASP B 322 2.48 0.20 10.35
CA ASP B 322 2.23 0.56 8.96
C ASP B 322 3.29 1.51 8.41
N ARG B 323 4.53 1.39 8.88
CA ARG B 323 5.63 2.17 8.32
C ARG B 323 6.27 1.39 7.17
N HIS B 324 5.53 1.34 6.06
CA HIS B 324 6.00 0.62 4.88
C HIS B 324 7.21 1.29 4.27
N HIS B 325 7.28 2.62 4.32
CA HIS B 325 8.38 3.38 3.73
C HIS B 325 8.76 4.53 4.64
N TYR B 326 10.01 4.95 4.54
CA TYR B 326 10.48 6.16 5.17
C TYR B 326 11.04 7.09 4.10
N GLU B 327 11.06 8.38 4.41
CA GLU B 327 11.45 9.40 3.45
C GLU B 327 12.72 10.10 3.92
N MET B 328 13.49 10.59 2.95
CA MET B 328 14.73 11.28 3.23
C MET B 328 14.85 12.48 2.30
N PHE B 329 15.63 13.47 2.74
CA PHE B 329 15.97 14.59 1.87
C PHE B 329 17.15 14.22 1.00
N THR B 330 17.06 14.54 -0.30
CA THR B 330 18.13 14.20 -1.24
C THR B 330 19.44 14.90 -0.87
N LYS B 331 19.36 16.15 -0.43
CA LYS B 331 20.57 16.96 -0.23
C LYS B 331 21.48 16.38 0.85
N PHE B 332 20.92 15.73 1.87
CA PHE B 332 21.68 15.22 3.00
C PHE B 332 22.30 13.84 2.77
N GLY B 333 22.15 13.28 1.57
CA GLY B 333 22.73 12.01 1.18
C GLY B 333 22.26 10.80 1.98
N ASP B 334 23.06 9.73 1.90
CA ASP B 334 22.73 8.48 2.56
C ASP B 334 22.74 8.60 4.08
N ASP B 335 23.69 9.36 4.63
CA ASP B 335 23.79 9.51 6.07
C ASP B 335 22.74 10.45 6.65
N GLY B 336 21.93 11.08 5.82
CA GLY B 336 20.89 11.98 6.31
C GLY B 336 19.89 11.29 7.20
N PHE B 337 19.20 12.11 7.99
CA PHE B 337 18.20 11.61 8.92
C PHE B 337 16.92 11.23 8.18
N LEU B 338 16.13 10.37 8.82
CA LEU B 338 14.88 9.88 8.25
C LEU B 338 13.72 10.73 8.72
N ILE B 339 12.84 11.08 7.77
CA ILE B 339 11.64 11.86 8.07
C ILE B 339 10.51 10.91 8.45
N HIS B 340 9.91 11.13 9.63
CA HIS B 340 8.85 10.27 10.13
C HIS B 340 7.50 10.94 9.88
N LEU B 341 7.02 10.78 8.65
CA LEU B 341 5.75 11.36 8.20
C LEU B 341 4.58 10.39 8.40
N ASP B 342 3.38 10.96 8.40
CA ASP B 342 2.12 10.21 8.34
C ASP B 342 2.06 9.12 9.41
N ASN B 343 1.94 9.58 10.66
CA ASN B 343 1.83 8.70 11.81
C ASN B 343 0.38 8.45 12.24
N ALA B 344 -0.56 8.53 11.29
CA ALA B 344 -1.97 8.38 11.63
C ALA B 344 -2.34 6.98 12.10
N ARG B 345 -1.50 5.98 11.81
CA ARG B 345 -1.79 4.60 12.21
C ARG B 345 -1.26 4.26 13.59
N GLY B 346 -0.73 5.25 14.31
CA GLY B 346 -0.25 5.02 15.66
C GLY B 346 -1.33 5.21 16.71
N PHE B 347 -1.01 4.81 17.94
CA PHE B 347 -1.89 5.00 19.10
C PHE B 347 -3.28 4.41 18.85
N GLY B 348 -3.33 3.22 18.27
CA GLY B 348 -4.59 2.59 17.97
C GLY B 348 -4.99 1.52 18.96
N ARG B 349 -4.00 0.92 19.61
CA ARG B 349 -4.21 -0.16 20.57
C ARG B 349 -3.35 0.12 21.80
N HIS B 350 -3.97 0.55 22.89
CA HIS B 350 -3.23 0.82 24.11
C HIS B 350 -2.95 -0.45 24.91
N SER B 351 -3.65 -1.55 24.63
CA SER B 351 -3.53 -2.77 25.41
C SER B 351 -2.71 -3.85 24.71
N HIS B 352 -2.07 -3.54 23.60
CA HIS B 352 -1.24 -4.51 22.89
C HIS B 352 0.09 -3.86 22.49
N ASP B 353 1.18 -4.61 22.67
CA ASP B 353 2.51 -4.17 22.29
C ASP B 353 3.05 -5.12 21.24
N GLU B 354 3.30 -4.60 20.04
CA GLU B 354 3.76 -5.41 18.92
C GLU B 354 5.29 -5.35 18.86
N ILE B 355 5.93 -6.29 19.56
CA ILE B 355 7.39 -6.28 19.66
C ILE B 355 8.07 -6.53 18.32
N SER B 356 7.35 -7.05 17.32
CA SER B 356 7.94 -7.24 16.01
C SER B 356 8.36 -5.92 15.37
N ILE B 357 7.79 -4.80 15.80
CA ILE B 357 8.24 -3.50 15.31
C ILE B 357 9.68 -3.25 15.76
N LEU B 358 10.03 -3.69 16.97
CA LEU B 358 11.37 -3.52 17.52
C LEU B 358 12.40 -4.45 16.88
N SER B 359 12.00 -5.24 15.89
CA SER B 359 12.90 -6.23 15.30
C SER B 359 14.26 -5.69 14.89
N PRO B 360 14.39 -4.51 14.27
CA PRO B 360 15.75 -4.01 13.95
C PRO B 360 16.64 -3.91 15.17
N LEU B 361 16.10 -3.50 16.32
CA LEU B 361 16.92 -3.39 17.52
C LEU B 361 17.29 -4.76 18.06
N SER B 362 16.32 -5.66 18.17
CA SER B 362 16.58 -6.97 18.77
C SER B 362 17.38 -7.90 17.86
N GLN B 363 17.39 -7.64 16.54
CA GLN B 363 18.18 -8.46 15.62
C GLN B 363 19.59 -7.91 15.43
N CYS B 364 19.71 -6.60 15.19
CA CYS B 364 21.02 -6.01 14.93
C CYS B 364 21.80 -5.79 16.22
N CYS B 365 21.10 -5.56 17.33
CA CYS B 365 21.72 -5.39 18.65
C CYS B 365 22.74 -4.26 18.66
N MET B 366 22.30 -3.08 18.22
CA MET B 366 23.09 -1.87 18.32
C MET B 366 22.15 -0.67 18.38
N ILE B 367 22.58 0.38 19.07
CA ILE B 367 21.74 1.54 19.32
C ILE B 367 22.62 2.76 19.53
N LYS B 368 22.09 3.92 19.15
CA LYS B 368 22.81 5.17 19.38
C LYS B 368 22.98 5.44 20.87
N LYS B 369 24.17 5.92 21.24
CA LYS B 369 24.39 6.34 22.62
C LYS B 369 23.41 7.44 23.02
N LYS B 370 23.21 8.42 22.14
CA LYS B 370 22.27 9.50 22.43
C LYS B 370 20.87 8.95 22.64
N THR B 371 20.41 8.07 21.76
CA THR B 371 19.07 7.50 21.88
C THR B 371 18.89 6.74 23.18
N LEU B 372 19.89 5.92 23.54
CA LEU B 372 19.77 5.11 24.76
C LEU B 372 19.73 5.98 26.01
N LEU B 373 20.54 7.04 26.06
CA LEU B 373 20.54 7.90 27.23
C LEU B 373 19.22 8.63 27.40
N HIS B 374 18.60 9.05 26.30
CA HIS B 374 17.29 9.70 26.38
C HIS B 374 16.22 8.72 26.85
N LEU B 375 16.27 7.47 26.38
CA LEU B 375 15.30 6.48 26.84
C LEU B 375 15.51 6.16 28.31
N GLN B 376 16.76 6.01 28.75
CA GLN B 376 17.04 5.73 30.15
C GLN B 376 16.56 6.87 31.05
N LEU B 377 16.71 8.11 30.59
CA LEU B 377 16.25 9.25 31.37
C LEU B 377 14.73 9.29 31.45
N LEU B 378 14.05 9.01 30.34
CA LEU B 378 12.60 9.04 30.30
C LEU B 378 11.97 7.86 31.05
N ALA B 379 12.78 6.92 31.54
CA ALA B 379 12.28 5.83 32.36
C ALA B 379 12.33 6.13 33.85
N GLN B 380 13.00 7.21 34.25
CA GLN B 380 13.09 7.57 35.65
C GLN B 380 11.84 8.34 36.09
N ALA B 381 11.50 8.19 37.37
CA ALA B 381 10.27 8.78 37.89
C ALA B 381 10.23 10.29 37.70
N ASP B 382 11.37 10.96 37.91
CA ASP B 382 11.40 12.42 37.81
C ASP B 382 11.18 12.91 36.39
N TYR B 383 11.40 12.07 35.38
CA TYR B 383 11.21 12.44 33.99
C TYR B 383 10.33 11.42 33.27
N ARG B 384 9.34 10.87 33.99
CA ARG B 384 8.58 9.74 33.47
C ARG B 384 7.92 10.09 32.13
N LEU B 385 8.08 9.19 31.16
CA LEU B 385 7.66 9.48 29.78
C LEU B 385 6.17 9.80 29.70
N SER B 386 5.35 9.07 30.45
CA SER B 386 3.91 9.35 30.43
C SER B 386 3.59 10.70 31.04
N ASP B 387 4.35 11.13 32.05
CA ASP B 387 4.08 12.41 32.70
C ASP B 387 4.46 13.58 31.79
N VAL B 388 5.64 13.51 31.16
CA VAL B 388 6.05 14.61 30.29
C VAL B 388 5.20 14.65 29.03
N MET B 389 4.73 13.50 28.56
CA MET B 389 3.84 13.47 27.40
C MET B 389 2.48 14.07 27.74
N ARG B 390 1.87 13.63 28.85
CA ARG B 390 0.60 14.19 29.27
C ARG B 390 0.71 15.70 29.48
N GLU B 391 1.82 16.15 30.07
CA GLU B 391 2.01 17.58 30.29
C GLU B 391 2.19 18.33 28.97
N SER B 392 2.98 17.76 28.05
CA SER B 392 3.19 18.42 26.76
C SER B 392 1.90 18.51 25.96
N LEU B 393 1.07 17.46 26.03
CA LEU B 393 -0.17 17.43 25.25
C LEU B 393 -1.24 18.37 25.79
N LEU B 394 -1.08 18.90 27.00
CA LEU B 394 -2.04 19.86 27.52
C LEU B 394 -2.03 21.17 26.74
N GLU B 395 -0.96 21.44 25.99
CA GLU B 395 -0.88 22.66 25.20
C GLU B 395 -1.84 22.64 24.01
N ASP B 396 -2.32 21.48 23.60
CA ASP B 396 -3.08 21.35 22.37
C ASP B 396 -4.56 21.65 22.60
N GLN B 397 -5.21 22.19 21.56
CA GLN B 397 -6.61 22.57 21.66
C GLN B 397 -7.51 21.36 21.94
N LEU B 398 -7.13 20.18 21.45
CA LEU B 398 -7.92 18.97 21.64
C LEU B 398 -7.47 18.16 22.85
N SER B 399 -6.90 18.82 23.86
CA SER B 399 -6.57 18.12 25.09
C SER B 399 -7.84 17.55 25.72
N PRO B 400 -7.80 16.30 26.22
CA PRO B 400 -6.62 15.43 26.19
C PRO B 400 -6.47 14.69 24.86
N VAL B 401 -5.29 14.76 24.27
CA VAL B 401 -5.04 14.06 23.01
C VAL B 401 -5.03 12.55 23.23
N LEU B 402 -4.26 12.09 24.21
CA LEU B 402 -4.16 10.68 24.56
C LEU B 402 -4.87 10.45 25.89
N THR B 403 -5.68 9.39 25.95
CA THR B 403 -6.24 8.96 27.20
C THR B 403 -5.15 8.33 28.07
N GLU B 404 -5.51 8.04 29.33
CA GLU B 404 -4.54 7.48 30.25
C GLU B 404 -3.99 6.12 29.83
N PRO B 405 -4.80 5.17 29.30
CA PRO B 405 -4.21 3.90 28.87
C PRO B 405 -3.13 4.04 27.82
N HIS B 406 -3.29 4.98 26.88
CA HIS B 406 -2.25 5.18 25.86
C HIS B 406 -1.00 5.76 26.48
N LEU B 407 -1.14 6.72 27.40
CA LEU B 407 0.02 7.32 28.06
C LEU B 407 0.79 6.30 28.86
N LEU B 408 0.09 5.48 29.65
CA LEU B 408 0.77 4.48 30.47
C LEU B 408 1.43 3.41 29.63
N ALA B 409 0.87 3.11 28.46
CA ALA B 409 1.50 2.14 27.56
C ALA B 409 2.86 2.62 27.08
N LEU B 410 3.07 3.94 27.02
CA LEU B 410 4.37 4.46 26.64
C LEU B 410 5.44 4.08 27.67
N ASP B 411 5.09 4.08 28.95
CA ASP B 411 6.03 3.63 29.98
C ASP B 411 6.30 2.14 29.85
N ARG B 412 5.26 1.35 29.58
CA ARG B 412 5.43 -0.10 29.50
C ARG B 412 6.28 -0.49 28.29
N ARG B 413 6.04 0.18 27.15
CA ARG B 413 6.82 -0.10 25.96
C ARG B 413 8.25 0.41 26.08
N LEU B 414 8.44 1.51 26.81
CA LEU B 414 9.80 2.01 27.06
C LEU B 414 10.61 1.00 27.87
N GLN B 415 9.98 0.36 28.86
CA GLN B 415 10.67 -0.67 29.63
C GLN B 415 11.04 -1.86 28.76
N THR B 416 10.18 -2.20 27.79
CA THR B 416 10.50 -3.30 26.88
C THR B 416 11.70 -2.95 26.01
N ILE B 417 11.80 -1.70 25.55
CA ILE B 417 12.93 -1.29 24.74
C ILE B 417 14.22 -1.40 25.55
N LEU B 418 14.22 -0.88 26.78
CA LEU B 418 15.41 -0.93 27.62
C LEU B 418 15.74 -2.37 28.02
N ARG B 419 14.72 -3.17 28.32
CA ARG B 419 14.96 -4.57 28.64
C ARG B 419 15.47 -5.35 27.44
N THR B 420 15.10 -4.93 26.23
CA THR B 420 15.69 -5.52 25.02
C THR B 420 17.15 -5.14 24.89
N VAL B 421 17.48 -3.87 25.18
CA VAL B 421 18.87 -3.42 25.13
C VAL B 421 19.72 -4.22 26.10
N GLU B 422 19.19 -4.51 27.29
CA GLU B 422 19.90 -5.35 28.25
C GLU B 422 20.20 -6.72 27.65
N GLY B 423 19.24 -7.31 26.95
CA GLY B 423 19.47 -8.59 26.31
C GLY B 423 20.58 -8.55 25.28
N CYS B 424 20.62 -7.48 24.47
CA CYS B 424 21.69 -7.35 23.50
C CYS B 424 23.04 -7.19 24.18
N ILE B 425 23.08 -6.45 25.28
CA ILE B 425 24.35 -6.21 25.98
C ILE B 425 24.87 -7.50 26.61
N VAL B 426 23.96 -8.33 27.12
CA VAL B 426 24.36 -9.62 27.67
C VAL B 426 25.03 -10.48 26.61
N ALA B 427 24.51 -10.43 25.38
CA ALA B 427 25.02 -11.29 24.32
C ALA B 427 26.26 -10.72 23.62
N HIS B 428 26.47 -9.41 23.65
CA HIS B 428 27.54 -8.80 22.88
C HIS B 428 28.38 -7.77 23.63
N GLY B 429 27.97 -7.34 24.83
CA GLY B 429 28.70 -6.34 25.55
C GLY B 429 28.30 -4.93 25.16
N GLN B 430 28.55 -3.98 26.09
CA GLN B 430 28.16 -2.59 25.85
C GLN B 430 28.91 -1.98 24.68
N GLN B 431 30.18 -2.35 24.51
CA GLN B 431 30.98 -1.78 23.44
C GLN B 431 30.37 -2.06 22.07
N SER B 432 29.81 -3.26 21.89
CA SER B 432 29.24 -3.64 20.60
C SER B 432 27.85 -3.05 20.39
N VAL B 433 27.06 -2.92 21.46
CA VAL B 433 25.68 -2.48 21.32
C VAL B 433 25.61 -0.96 21.23
N ILE B 434 26.24 -0.27 22.18
CA ILE B 434 26.10 1.18 22.31
C ILE B 434 27.12 1.83 21.38
N VAL B 435 26.63 2.38 20.27
CA VAL B 435 27.48 3.02 19.27
C VAL B 435 27.54 4.51 19.54
N ASP B 436 28.71 5.10 19.36
CA ASP B 436 28.90 6.53 19.52
C ASP B 436 28.80 7.25 18.17
N GLY B 437 28.56 8.55 18.24
CA GLY B 437 28.36 9.35 17.05
C GLY B 437 29.58 10.16 16.66
N PRO B 438 29.81 10.26 15.34
CA PRO B 438 30.92 11.06 14.78
C PRO B 438 30.75 12.56 15.03
#